data_6CGM
#
_entry.id   6CGM
#
_cell.length_a   72.855
_cell.length_b   72.855
_cell.length_c   296.142
_cell.angle_alpha   90.000
_cell.angle_beta   90.000
_cell.angle_gamma   90.000
#
_symmetry.space_group_name_H-M   'P 43 21 2'
#
loop_
_entity.id
_entity.type
_entity.pdbx_description
1 polymer 'Ribonucleoside-diphosphate reductase'
2 non-polymer 1,2-ETHANEDIOL
3 water water
#
_entity_poly.entity_id   1
_entity_poly.type   'polypeptide(L)'
_entity_poly.pdbx_seq_one_letter_code
;MSQNQVPKWIQLNNEIMIQKDGKFQFDKDKEAVHSYFVDYINQNTVFFHNLKEKLDYLVENQYYEEEFLSLYSFEDIKEV
FKTAYAKKFRFPSFMSAFKFYNDYALKTNDKKKILERYEDRISIVALFFANGDTEKAKEYVNLMINQEYQPSTPTFLNAG
RKRRGELVSCFLLEVNDSLNDISRAIDISMQLSKLGGGVSLNLSKLRAKGEAIKDVENATKGVVGVMKLLDNAFRYADQM
GQRQGSGAAYLNIFHRDINDFLDTKKISADEDVRVKTLSIGVVIPDKFVELAREDKAAYVFYPHTIYKEYGQHMDEMDMN
EMYDKFVDNPRVKKEKINPRKLLEKLAMLRSESGYPYIMFQDNVNKVHANNHISKVKFSNLCSEVLQASQVSSYTDYDEE
DEIGLDISCNLGSLNILNVMEHKSIEKTVKLATDSLTHVSETTDIRNAPAVRRANKAMKSIGLGAMNLHGYLAQNGIAYE
SPEARDFANTFFMMVNFYSIQRSAEIAKEKGETFDQYEGSTYATGEYFDKYVSTDFSPKYEKIANLFEGMHIPTTEDWKK
LKAFVAEHGMYHSYRLCIAPTGSISYVQSSTASVMPIMERIEERTYGNSKTYYPMPGLASNNWFFYKEAYDMDMFKVVDM
IATIQQHIDQGISFTLFLKDTMTTRDLNRIDLYAHHRGIKTIYYARTKDTGQDSCLSCVV
;
_entity_poly.pdbx_strand_id   A
#
# COMPACT_ATOMS: atom_id res chain seq x y z
N VAL A 6 16.93 18.24 -28.84
CA VAL A 6 16.77 18.26 -27.34
C VAL A 6 15.88 19.42 -26.91
N PRO A 7 14.67 19.12 -26.40
CA PRO A 7 13.78 20.24 -26.05
C PRO A 7 14.32 21.15 -24.93
N LYS A 8 13.88 22.40 -24.93
CA LYS A 8 14.39 23.40 -24.02
C LYS A 8 14.18 23.04 -22.54
N TRP A 9 13.05 22.42 -22.21
CA TRP A 9 12.76 22.01 -20.83
C TRP A 9 13.80 21.00 -20.32
N ILE A 10 14.22 20.08 -21.20
CA ILE A 10 15.27 19.12 -20.86
C ILE A 10 16.60 19.82 -20.64
N GLN A 11 16.93 20.76 -21.53
CA GLN A 11 18.15 21.58 -21.42
C GLN A 11 18.20 22.34 -20.11
N LEU A 12 17.12 23.04 -19.80
CA LEU A 12 17.02 23.76 -18.54
C LEU A 12 17.09 22.81 -17.32
N ASN A 13 16.37 21.71 -17.38
CA ASN A 13 16.41 20.72 -16.28
C ASN A 13 17.85 20.21 -16.06
N ASN A 14 18.56 19.94 -17.15
CA ASN A 14 19.97 19.52 -17.09
C ASN A 14 20.93 20.54 -16.46
N GLU A 15 20.58 21.83 -16.53
CA GLU A 15 21.38 22.88 -15.91
C GLU A 15 21.44 22.82 -14.39
N ILE A 16 20.49 22.14 -13.75
CA ILE A 16 20.53 21.94 -12.28
C ILE A 16 21.89 21.40 -11.85
N MET A 17 22.44 20.51 -12.67
CA MET A 17 23.69 19.79 -12.42
C MET A 17 24.94 20.54 -12.90
N ILE A 18 24.77 21.76 -13.41
CA ILE A 18 25.90 22.62 -13.76
C ILE A 18 26.17 23.47 -12.55
N GLN A 19 27.31 23.21 -11.89
CA GLN A 19 27.69 23.95 -10.71
C GLN A 19 27.83 25.43 -11.06
N LYS A 20 27.30 26.28 -10.18
CA LYS A 20 27.44 27.73 -10.28
C LYS A 20 27.65 28.25 -8.87
N ASP A 21 28.80 28.90 -8.63
CA ASP A 21 29.20 29.39 -7.29
C ASP A 21 29.28 28.25 -6.28
N GLY A 22 29.80 27.12 -6.73
CA GLY A 22 29.93 25.92 -5.91
C GLY A 22 28.68 25.08 -5.63
N LYS A 23 27.50 25.57 -6.06
CA LYS A 23 26.21 24.94 -5.76
C LYS A 23 25.54 24.37 -7.00
N PHE A 24 24.62 23.43 -6.76
CA PHE A 24 23.65 22.99 -7.77
C PHE A 24 22.70 24.16 -8.09
N GLN A 25 22.21 24.22 -9.32
CA GLN A 25 21.28 25.30 -9.71
C GLN A 25 19.84 24.79 -9.59
N PHE A 26 19.39 24.68 -8.35
CA PHE A 26 18.07 24.11 -8.07
C PHE A 26 16.93 24.85 -8.75
N ASP A 27 17.08 26.19 -8.83
CA ASP A 27 16.05 27.05 -9.42
C ASP A 27 15.87 26.90 -10.93
N LYS A 28 16.79 26.19 -11.61
CA LYS A 28 16.62 25.89 -13.03
C LYS A 28 15.43 24.96 -13.34
N ASP A 29 14.98 24.18 -12.36
CA ASP A 29 13.83 23.30 -12.58
C ASP A 29 12.51 24.07 -12.68
N LYS A 30 12.42 25.23 -12.03
CA LYS A 30 11.27 26.12 -12.19
C LYS A 30 11.24 26.71 -13.58
N GLU A 31 12.41 27.00 -14.16
CA GLU A 31 12.48 27.39 -15.56
C GLU A 31 12.11 26.21 -16.47
N ALA A 32 12.58 25.01 -16.13
CA ALA A 32 12.31 23.82 -16.91
C ALA A 32 10.80 23.53 -17.01
N VAL A 33 10.12 23.52 -15.86
CA VAL A 33 8.67 23.25 -15.84
C VAL A 33 7.86 24.36 -16.52
N HIS A 34 8.30 25.61 -16.41
CA HIS A 34 7.63 26.69 -17.12
C HIS A 34 7.71 26.50 -18.65
N SER A 35 8.89 26.12 -19.14
CA SER A 35 9.09 25.79 -20.56
C SER A 35 8.25 24.59 -21.01
N TYR A 36 8.22 23.54 -20.20
CA TYR A 36 7.33 22.39 -20.47
C TYR A 36 5.87 22.83 -20.47
N PHE A 37 5.48 23.68 -19.52
CA PHE A 37 4.08 24.13 -19.38
C PHE A 37 3.64 24.97 -20.58
N VAL A 38 4.49 25.89 -21.03
CA VAL A 38 4.16 26.70 -22.19
C VAL A 38 4.26 25.89 -23.49
N ASP A 39 5.38 25.20 -23.67
CA ASP A 39 5.69 24.57 -24.97
C ASP A 39 5.36 23.09 -25.13
N TYR A 40 4.83 22.45 -24.10
CA TYR A 40 4.25 21.13 -24.25
C TYR A 40 2.81 21.05 -23.74
N ILE A 41 2.58 21.38 -22.47
CA ILE A 41 1.27 21.21 -21.88
C ILE A 41 0.23 22.13 -22.53
N ASN A 42 0.44 23.44 -22.43
CA ASN A 42 -0.44 24.41 -23.10
C ASN A 42 -0.45 24.21 -24.60
N GLN A 43 0.73 23.99 -25.17
CA GLN A 43 0.83 23.75 -26.61
C GLN A 43 -0.11 22.65 -27.12
N ASN A 44 -0.17 21.53 -26.41
CA ASN A 44 -0.87 20.34 -26.87
C ASN A 44 -2.23 20.07 -26.20
N THR A 45 -2.75 21.07 -25.49
CA THR A 45 -4.05 20.96 -24.83
C THR A 45 -5.09 21.26 -25.88
N VAL A 46 -6.10 20.39 -25.98
CA VAL A 46 -7.18 20.55 -26.95
C VAL A 46 -8.00 21.77 -26.60
N PHE A 47 -8.33 22.58 -27.61
CA PHE A 47 -9.10 23.77 -27.40
C PHE A 47 -10.59 23.42 -27.41
N PHE A 48 -11.32 23.98 -26.45
CA PHE A 48 -12.76 23.94 -26.44
C PHE A 48 -13.26 25.34 -26.19
N HIS A 49 -14.38 25.67 -26.82
CA HIS A 49 -14.97 27.00 -26.71
C HIS A 49 -15.48 27.31 -25.31
N ASN A 50 -15.94 26.29 -24.59
CA ASN A 50 -16.45 26.46 -23.22
C ASN A 50 -16.52 25.07 -22.52
N LEU A 51 -16.72 25.05 -21.21
CA LEU A 51 -16.76 23.79 -20.46
C LEU A 51 -17.89 22.88 -20.91
N LYS A 52 -19.05 23.45 -21.23
CA LYS A 52 -20.20 22.63 -21.66
C LYS A 52 -19.87 21.83 -22.91
N GLU A 53 -19.29 22.50 -23.91
CA GLU A 53 -18.90 21.82 -25.14
C GLU A 53 -17.87 20.73 -24.83
N LYS A 54 -16.92 21.04 -23.96
CA LYS A 54 -15.91 20.08 -23.59
C LYS A 54 -16.53 18.83 -22.93
N LEU A 55 -17.37 19.04 -21.93
CA LEU A 55 -18.02 17.88 -21.25
C LEU A 55 -18.95 17.10 -22.19
N ASP A 56 -19.70 17.79 -23.05
CA ASP A 56 -20.55 17.09 -24.04
C ASP A 56 -19.72 16.24 -24.99
N TYR A 57 -18.59 16.79 -25.46
CA TYR A 57 -17.65 16.04 -26.31
C TYR A 57 -17.09 14.80 -25.62
N LEU A 58 -16.69 14.95 -24.37
CA LEU A 58 -16.07 13.87 -23.67
C LEU A 58 -17.09 12.75 -23.35
N VAL A 59 -18.33 13.12 -23.00
CA VAL A 59 -19.38 12.10 -22.81
C VAL A 59 -19.75 11.47 -24.16
N GLU A 60 -20.07 12.30 -25.15
CA GLU A 60 -20.51 11.78 -26.45
C GLU A 60 -19.47 10.86 -27.11
N ASN A 61 -18.19 11.21 -27.05
CA ASN A 61 -17.14 10.36 -27.63
C ASN A 61 -16.58 9.26 -26.70
N GLN A 62 -17.30 8.94 -25.62
CA GLN A 62 -17.03 7.76 -24.82
C GLN A 62 -15.77 7.88 -23.95
N TYR A 63 -15.33 9.10 -23.67
CA TYR A 63 -14.19 9.31 -22.75
C TYR A 63 -14.64 9.25 -21.28
N TYR A 64 -15.71 9.96 -20.96
CA TYR A 64 -16.28 9.96 -19.63
C TYR A 64 -17.57 9.19 -19.57
N GLU A 65 -17.85 8.64 -18.39
CA GLU A 65 -19.15 8.06 -18.10
C GLU A 65 -20.19 9.18 -18.00
N GLU A 66 -21.43 8.88 -18.39
CA GLU A 66 -22.50 9.86 -18.34
C GLU A 66 -23.16 9.99 -16.97
N GLU A 67 -23.34 8.87 -16.26
CA GLU A 67 -24.23 8.87 -15.10
C GLU A 67 -23.73 9.77 -13.96
N PHE A 68 -22.47 9.64 -13.58
CA PHE A 68 -21.96 10.42 -12.43
C PHE A 68 -22.11 11.94 -12.63
N LEU A 69 -21.96 12.42 -13.87
CA LEU A 69 -22.15 13.85 -14.18
C LEU A 69 -23.61 14.29 -14.17
N SER A 70 -24.50 13.41 -14.63
CA SER A 70 -25.95 13.68 -14.64
C SER A 70 -26.52 13.92 -13.24
N LEU A 71 -25.80 13.53 -12.17
CA LEU A 71 -26.27 13.79 -10.81
C LEU A 71 -26.21 15.25 -10.43
N TYR A 72 -25.52 16.08 -11.21
CA TYR A 72 -25.36 17.49 -10.91
C TYR A 72 -25.99 18.35 -12.01
N SER A 73 -26.39 19.56 -11.64
CA SER A 73 -26.71 20.60 -12.60
C SER A 73 -25.41 21.11 -13.22
N PHE A 74 -25.49 21.60 -14.46
CA PHE A 74 -24.30 22.09 -15.14
C PHE A 74 -23.67 23.21 -14.36
N GLU A 75 -24.48 24.12 -13.82
CA GLU A 75 -23.93 25.26 -13.09
C GLU A 75 -23.12 24.82 -11.86
N ASP A 76 -23.54 23.73 -11.21
CA ASP A 76 -22.79 23.13 -10.10
C ASP A 76 -21.49 22.50 -10.58
N ILE A 77 -21.54 21.77 -11.70
CA ILE A 77 -20.31 21.20 -12.31
C ILE A 77 -19.31 22.34 -12.58
N LYS A 78 -19.80 23.42 -13.21
CA LYS A 78 -18.95 24.58 -13.51
C LYS A 78 -18.28 25.16 -12.25
N GLU A 79 -19.04 25.30 -11.16
CA GLU A 79 -18.50 25.79 -9.88
C GLU A 79 -17.46 24.86 -9.28
N VAL A 80 -17.61 23.56 -9.49
CA VAL A 80 -16.62 22.58 -8.99
C VAL A 80 -15.31 22.74 -9.76
N PHE A 81 -15.40 22.78 -11.07
CA PHE A 81 -14.24 23.03 -11.91
C PHE A 81 -13.56 24.35 -11.53
N LYS A 82 -14.36 25.41 -11.38
CA LYS A 82 -13.81 26.72 -10.98
C LYS A 82 -13.04 26.66 -9.64
N THR A 83 -13.56 25.89 -8.70
CA THR A 83 -12.89 25.64 -7.43
C THR A 83 -11.46 25.09 -7.65
N ALA A 84 -11.30 24.17 -8.59
CA ALA A 84 -9.97 23.58 -8.86
C ALA A 84 -9.01 24.63 -9.42
N TYR A 85 -9.48 25.36 -10.42
CA TYR A 85 -8.69 26.44 -11.02
C TYR A 85 -8.41 27.64 -10.12
N ALA A 86 -9.22 27.85 -9.09
CA ALA A 86 -9.03 28.98 -8.16
C ALA A 86 -7.72 28.92 -7.36
N LYS A 87 -7.17 27.71 -7.20
CA LYS A 87 -5.94 27.54 -6.44
C LYS A 87 -4.70 28.16 -7.11
N LYS A 88 -4.71 28.33 -8.44
CA LYS A 88 -3.53 28.78 -9.20
C LYS A 88 -2.37 27.79 -9.00
N PHE A 89 -2.69 26.49 -9.02
CA PHE A 89 -1.68 25.45 -8.79
C PHE A 89 -0.68 25.41 -9.93
N ARG A 90 0.61 25.35 -9.60
CA ARG A 90 1.66 25.09 -10.58
C ARG A 90 2.58 23.99 -10.04
N PHE A 91 2.88 23.00 -10.87
CA PHE A 91 3.87 21.99 -10.54
C PHE A 91 5.21 22.70 -10.34
N PRO A 92 5.93 22.37 -9.25
CA PRO A 92 7.16 23.07 -8.93
C PRO A 92 8.42 22.47 -9.54
N SER A 93 8.30 21.34 -10.22
CA SER A 93 9.43 20.63 -10.80
C SER A 93 9.04 20.07 -12.15
N PHE A 94 10.03 19.87 -13.02
CA PHE A 94 9.78 19.23 -14.29
C PHE A 94 9.17 17.84 -14.12
N MET A 95 9.76 17.01 -13.26
CA MET A 95 9.30 15.62 -13.14
C MET A 95 7.88 15.46 -12.56
N SER A 96 7.47 16.35 -11.66
CA SER A 96 6.09 16.30 -11.16
C SER A 96 5.09 16.52 -12.32
N ALA A 97 5.32 17.55 -13.13
CA ALA A 97 4.46 17.86 -14.28
C ALA A 97 4.54 16.76 -15.33
N PHE A 98 5.76 16.31 -15.57
CA PHE A 98 5.95 15.26 -16.55
C PHE A 98 5.18 13.99 -16.18
N LYS A 99 5.27 13.57 -14.92
CA LYS A 99 4.57 12.36 -14.49
C LYS A 99 3.07 12.52 -14.61
N PHE A 100 2.51 13.67 -14.20
CA PHE A 100 1.07 13.84 -14.33
C PHE A 100 0.65 13.78 -15.79
N TYR A 101 1.24 14.64 -16.61
CA TYR A 101 0.80 14.80 -17.99
C TYR A 101 1.13 13.57 -18.84
N ASN A 102 2.20 12.84 -18.50
CA ASN A 102 2.56 11.64 -19.23
C ASN A 102 1.76 10.38 -18.80
N ASP A 103 1.48 10.23 -17.51
CA ASP A 103 0.88 8.97 -17.00
C ASP A 103 -0.56 9.04 -16.52
N TYR A 104 -1.12 10.23 -16.33
CA TYR A 104 -2.46 10.38 -15.76
C TYR A 104 -3.42 11.24 -16.58
N ALA A 105 -2.92 12.31 -17.21
CA ALA A 105 -3.81 13.21 -17.96
C ALA A 105 -4.51 12.45 -19.10
N LEU A 106 -5.81 12.60 -19.19
CA LEU A 106 -6.56 12.01 -20.30
C LEU A 106 -6.02 12.60 -21.62
N LYS A 107 -5.69 11.72 -22.56
CA LYS A 107 -5.29 12.08 -23.90
C LYS A 107 -6.37 11.64 -24.91
N THR A 108 -6.35 12.26 -26.09
CA THR A 108 -7.21 11.83 -27.20
C THR A 108 -6.85 10.40 -27.57
N ASN A 109 -7.78 9.72 -28.27
CA ASN A 109 -7.59 8.31 -28.67
C ASN A 109 -6.38 8.05 -29.57
N ASP A 110 -6.05 8.99 -30.48
CA ASP A 110 -4.78 8.90 -31.23
C ASP A 110 -3.54 9.24 -30.37
N LYS A 111 -3.78 9.76 -29.16
CA LYS A 111 -2.76 10.02 -28.12
C LYS A 111 -1.89 11.25 -28.39
N LYS A 112 -2.27 12.08 -29.35
CA LYS A 112 -1.48 13.26 -29.72
C LYS A 112 -1.74 14.47 -28.82
N LYS A 113 -2.92 14.54 -28.19
CA LYS A 113 -3.31 15.76 -27.51
C LYS A 113 -3.85 15.53 -26.11
N ILE A 114 -3.83 16.60 -25.31
CA ILE A 114 -4.18 16.54 -23.92
C ILE A 114 -5.62 17.02 -23.75
N LEU A 115 -6.48 16.20 -23.18
CA LEU A 115 -7.88 16.60 -22.88
C LEU A 115 -8.10 17.08 -21.45
N GLU A 116 -7.18 16.73 -20.53
CA GLU A 116 -7.27 17.18 -19.14
C GLU A 116 -6.06 17.95 -18.65
N ARG A 117 -6.31 19.09 -18.04
CA ARG A 117 -5.38 19.71 -17.10
C ARG A 117 -5.43 18.90 -15.79
N TYR A 118 -4.44 19.12 -14.93
CA TYR A 118 -4.43 18.56 -13.57
C TYR A 118 -5.77 18.82 -12.87
N GLU A 119 -6.21 20.06 -12.98
CA GLU A 119 -7.45 20.56 -12.40
C GLU A 119 -8.69 19.82 -12.89
N ASP A 120 -8.67 19.42 -14.16
CA ASP A 120 -9.77 18.70 -14.78
C ASP A 120 -9.87 17.28 -14.23
N ARG A 121 -8.75 16.56 -14.18
CA ARG A 121 -8.73 15.25 -13.53
C ARG A 121 -9.25 15.34 -12.08
N ILE A 122 -8.71 16.29 -11.31
CA ILE A 122 -9.17 16.48 -9.92
C ILE A 122 -10.70 16.74 -9.81
N SER A 123 -11.22 17.62 -10.66
CA SER A 123 -12.64 17.98 -10.66
C SER A 123 -13.53 16.78 -10.97
N ILE A 124 -13.13 16.02 -11.99
CA ILE A 124 -13.83 14.79 -12.32
C ILE A 124 -13.81 13.77 -11.17
N VAL A 125 -12.63 13.55 -10.60
CA VAL A 125 -12.51 12.64 -9.47
C VAL A 125 -13.45 13.08 -8.32
N ALA A 126 -13.41 14.37 -7.99
CA ALA A 126 -14.25 14.93 -6.92
C ALA A 126 -15.75 14.76 -7.16
N LEU A 127 -16.17 15.05 -8.39
CA LEU A 127 -17.57 14.88 -8.81
C LEU A 127 -17.98 13.41 -8.73
N PHE A 128 -17.06 12.51 -9.08
CA PHE A 128 -17.30 11.10 -8.95
C PHE A 128 -17.45 10.72 -7.47
N PHE A 129 -16.46 11.08 -6.65
CA PHE A 129 -16.54 10.77 -5.21
C PHE A 129 -17.81 11.28 -4.54
N ALA A 130 -18.20 12.51 -4.86
CA ALA A 130 -19.22 13.22 -4.11
C ALA A 130 -20.66 12.76 -4.42
N ASN A 131 -20.83 12.00 -5.49
CA ASN A 131 -22.06 11.28 -5.80
C ASN A 131 -23.33 12.16 -5.85
N GLY A 132 -23.17 13.38 -6.33
CA GLY A 132 -24.26 14.35 -6.44
C GLY A 132 -24.26 15.44 -5.39
N ASP A 133 -23.47 15.29 -4.33
CA ASP A 133 -23.32 16.35 -3.32
C ASP A 133 -22.33 17.44 -3.79
N THR A 134 -22.85 18.59 -4.25
CA THR A 134 -21.98 19.64 -4.80
C THR A 134 -20.99 20.21 -3.78
N GLU A 135 -21.47 20.49 -2.57
CA GLU A 135 -20.59 21.03 -1.52
C GLU A 135 -19.46 20.07 -1.17
N LYS A 136 -19.76 18.80 -1.06
CA LYS A 136 -18.73 17.79 -0.81
C LYS A 136 -17.74 17.71 -1.99
N ALA A 137 -18.24 17.78 -3.22
CA ALA A 137 -17.35 17.80 -4.40
C ALA A 137 -16.35 18.95 -4.30
N LYS A 138 -16.82 20.13 -3.91
CA LYS A 138 -15.91 21.24 -3.66
C LYS A 138 -14.89 20.95 -2.58
N GLU A 139 -15.31 20.30 -1.49
CA GLU A 139 -14.37 19.92 -0.44
C GLU A 139 -13.31 18.93 -0.98
N TYR A 140 -13.74 18.00 -1.83
CA TYR A 140 -12.82 17.06 -2.44
C TYR A 140 -11.83 17.77 -3.37
N VAL A 141 -12.31 18.74 -4.14
CA VAL A 141 -11.43 19.50 -5.02
C VAL A 141 -10.36 20.19 -4.20
N ASN A 142 -10.78 20.92 -3.17
CA ASN A 142 -9.84 21.61 -2.30
C ASN A 142 -8.82 20.65 -1.65
N LEU A 143 -9.32 19.50 -1.19
CA LEU A 143 -8.43 18.51 -0.58
C LEU A 143 -7.37 18.02 -1.55
N MET A 144 -7.73 17.85 -2.82
CA MET A 144 -6.78 17.33 -3.80
C MET A 144 -5.91 18.44 -4.39
N ILE A 145 -6.49 19.61 -4.64
CA ILE A 145 -5.74 20.72 -5.25
C ILE A 145 -4.76 21.34 -4.25
N ASN A 146 -5.10 21.27 -2.95
CA ASN A 146 -4.13 21.60 -1.89
C ASN A 146 -3.06 20.52 -1.70
N GLN A 147 -3.24 19.38 -2.36
CA GLN A 147 -2.37 18.21 -2.25
C GLN A 147 -2.27 17.74 -0.80
N GLU A 148 -3.42 17.72 -0.13
CA GLU A 148 -3.57 17.10 1.19
C GLU A 148 -3.79 15.58 1.08
N TYR A 149 -4.51 15.16 0.03
CA TYR A 149 -4.88 13.74 -0.17
C TYR A 149 -4.72 13.38 -1.63
N GLN A 150 -4.10 12.24 -1.86
CA GLN A 150 -3.89 11.71 -3.20
C GLN A 150 -4.52 10.30 -3.28
N PRO A 151 -5.64 10.16 -4.01
CA PRO A 151 -6.13 8.81 -4.29
C PRO A 151 -5.04 7.98 -5.01
N SER A 152 -5.07 6.67 -4.81
CA SER A 152 -4.14 5.77 -5.51
C SER A 152 -4.21 5.94 -7.03
N THR A 153 -3.17 5.47 -7.71
CA THR A 153 -3.08 5.48 -9.18
C THR A 153 -4.36 5.00 -9.86
N PRO A 154 -4.86 3.78 -9.52
CA PRO A 154 -6.03 3.36 -10.26
C PRO A 154 -7.27 4.23 -10.03
N THR A 155 -7.51 4.72 -8.80
CA THR A 155 -8.66 5.62 -8.55
C THR A 155 -8.46 6.95 -9.29
N PHE A 156 -7.27 7.52 -9.10
CA PHE A 156 -6.98 8.83 -9.67
C PHE A 156 -7.01 8.85 -11.19
N LEU A 157 -6.44 7.81 -11.79
CA LEU A 157 -6.40 7.64 -13.22
C LEU A 157 -7.78 7.42 -13.84
N ASN A 158 -8.57 6.53 -13.24
CA ASN A 158 -9.76 5.97 -13.92
C ASN A 158 -11.10 6.55 -13.48
N ALA A 159 -11.15 7.23 -12.33
CA ALA A 159 -12.40 7.81 -11.86
C ALA A 159 -13.05 8.70 -12.92
N GLY A 160 -14.32 8.44 -13.20
CA GLY A 160 -15.07 9.15 -14.23
C GLY A 160 -14.92 8.67 -15.68
N ARG A 161 -13.91 7.85 -15.96
CA ARG A 161 -13.65 7.39 -17.32
C ARG A 161 -14.46 6.15 -17.70
N LYS A 162 -14.81 6.03 -18.99
CA LYS A 162 -15.70 4.94 -19.46
C LYS A 162 -14.96 3.62 -19.69
N GLU A 166 -12.92 -1.45 -13.09
CA GLU A 166 -12.97 -1.10 -11.67
C GLU A 166 -11.67 -0.45 -11.18
N LEU A 167 -11.79 0.29 -10.07
CA LEU A 167 -10.75 1.18 -9.49
C LEU A 167 -9.91 0.61 -8.30
N VAL A 168 -10.04 -0.68 -8.02
CA VAL A 168 -9.38 -1.28 -6.84
C VAL A 168 -7.90 -1.69 -7.10
N SER A 169 -6.99 -1.28 -6.21
CA SER A 169 -5.57 -1.66 -6.35
C SER A 169 -5.32 -3.18 -6.21
N CYS A 170 -5.41 -3.64 -4.96
CA CYS A 170 -4.87 -4.91 -4.54
C CYS A 170 -5.95 -5.96 -4.55
N PHE A 171 -5.63 -7.13 -5.08
CA PHE A 171 -6.41 -8.33 -4.84
C PHE A 171 -5.49 -9.39 -4.24
N LEU A 172 -6.04 -10.15 -3.29
CA LEU A 172 -5.36 -11.27 -2.63
C LEU A 172 -6.31 -12.44 -2.67
N LEU A 173 -5.87 -13.58 -3.21
CA LEU A 173 -6.71 -14.75 -3.38
C LEU A 173 -6.18 -15.92 -2.56
N GLU A 174 -7.09 -16.60 -1.87
CA GLU A 174 -6.85 -17.95 -1.37
C GLU A 174 -6.96 -18.95 -2.53
N VAL A 175 -6.20 -20.05 -2.46
CA VAL A 175 -6.30 -21.13 -3.45
C VAL A 175 -6.42 -22.48 -2.72
N ASN A 176 -7.54 -23.16 -2.91
CA ASN A 176 -7.73 -24.48 -2.28
C ASN A 176 -6.98 -25.56 -3.09
N ASP A 177 -6.85 -26.74 -2.49
CA ASP A 177 -5.98 -27.81 -3.00
C ASP A 177 -6.71 -28.70 -4.01
N SER A 178 -6.99 -28.15 -5.18
CA SER A 178 -7.49 -28.97 -6.28
C SER A 178 -7.17 -28.32 -7.62
N LEU A 179 -7.19 -29.16 -8.64
CA LEU A 179 -6.95 -28.71 -10.01
C LEU A 179 -8.00 -27.71 -10.45
N ASN A 180 -9.26 -27.95 -10.13
CA ASN A 180 -10.32 -26.97 -10.46
C ASN A 180 -10.16 -25.63 -9.73
N ASP A 181 -9.63 -25.68 -8.49
CA ASP A 181 -9.34 -24.44 -7.73
C ASP A 181 -8.18 -23.68 -8.37
N ILE A 182 -7.10 -24.39 -8.67
CA ILE A 182 -5.95 -23.84 -9.37
C ILE A 182 -6.37 -23.20 -10.70
N SER A 183 -7.19 -23.92 -11.46
CA SER A 183 -7.64 -23.41 -12.74
C SER A 183 -8.45 -22.10 -12.58
N ARG A 184 -9.33 -22.07 -11.59
CA ARG A 184 -10.11 -20.88 -11.31
C ARG A 184 -9.21 -19.75 -10.83
N ALA A 185 -8.23 -20.07 -10.00
CA ALA A 185 -7.28 -19.07 -9.51
C ALA A 185 -6.55 -18.39 -10.67
N ILE A 186 -6.11 -19.17 -11.65
CA ILE A 186 -5.43 -18.63 -12.85
C ILE A 186 -6.37 -17.71 -13.60
N ASP A 187 -7.59 -18.19 -13.82
CA ASP A 187 -8.62 -17.44 -14.54
C ASP A 187 -8.95 -16.12 -13.84
N ILE A 188 -9.19 -16.18 -12.53
CA ILE A 188 -9.48 -14.97 -11.75
C ILE A 188 -8.29 -13.99 -11.81
N SER A 189 -7.08 -14.50 -11.56
CA SER A 189 -5.86 -13.70 -11.66
C SER A 189 -5.75 -12.97 -13.01
N MET A 190 -6.02 -13.67 -14.11
CA MET A 190 -5.99 -13.08 -15.44
C MET A 190 -7.01 -11.98 -15.65
N GLN A 191 -8.24 -12.21 -15.19
CA GLN A 191 -9.28 -11.21 -15.33
C GLN A 191 -9.03 -9.98 -14.44
N LEU A 192 -8.54 -10.18 -13.22
CA LEU A 192 -8.25 -9.06 -12.32
C LEU A 192 -6.99 -8.27 -12.72
N SER A 193 -6.06 -8.94 -13.39
CA SER A 193 -4.79 -8.33 -13.84
C SER A 193 -4.92 -7.37 -15.03
N LYS A 194 -6.03 -7.43 -15.77
CA LYS A 194 -6.26 -6.53 -16.92
C LYS A 194 -6.61 -5.13 -16.45
N GLY A 197 -5.32 -4.88 -12.05
CA GLY A 197 -5.00 -4.88 -10.62
C GLY A 197 -3.76 -5.70 -10.34
N GLY A 198 -3.19 -5.55 -9.13
CA GLY A 198 -2.15 -6.46 -8.62
C GLY A 198 -2.84 -7.66 -7.96
N VAL A 199 -2.38 -8.88 -8.26
CA VAL A 199 -3.00 -10.09 -7.69
C VAL A 199 -1.92 -10.85 -6.91
N SER A 200 -2.23 -11.17 -5.66
CA SER A 200 -1.35 -11.99 -4.83
C SER A 200 -2.10 -13.26 -4.42
N LEU A 201 -1.42 -14.41 -4.51
CA LEU A 201 -2.01 -15.71 -4.22
C LEU A 201 -1.34 -16.40 -3.05
N ASN A 202 -2.15 -16.92 -2.14
CA ASN A 202 -1.68 -17.77 -1.05
C ASN A 202 -1.57 -19.19 -1.63
N LEU A 203 -0.36 -19.74 -1.68
CA LEU A 203 -0.17 -21.13 -2.15
C LEU A 203 0.01 -22.15 -1.01
N SER A 204 -0.18 -21.71 0.24
CA SER A 204 0.14 -22.53 1.39
C SER A 204 -0.78 -23.71 1.63
N LYS A 205 -1.97 -23.72 1.03
CA LYS A 205 -2.87 -24.85 1.17
C LYS A 205 -2.64 -25.94 0.09
N LEU A 206 -1.79 -25.66 -0.90
CA LEU A 206 -1.59 -26.59 -2.02
C LEU A 206 -0.66 -27.71 -1.59
N ARG A 207 -0.97 -28.91 -2.06
CA ARG A 207 -0.21 -30.10 -1.64
C ARG A 207 1.19 -30.02 -2.22
N ALA A 208 2.14 -30.54 -1.48
CA ALA A 208 3.55 -30.43 -1.82
C ALA A 208 4.00 -31.44 -2.90
N LYS A 209 5.26 -31.39 -3.29
CA LYS A 209 5.76 -32.25 -4.38
C LYS A 209 5.61 -33.73 -4.01
N GLY A 210 4.93 -34.48 -4.87
CA GLY A 210 4.70 -35.91 -4.67
C GLY A 210 3.29 -36.26 -4.25
N GLU A 211 2.60 -35.32 -3.59
CA GLU A 211 1.30 -35.62 -3.01
C GLU A 211 0.19 -35.71 -4.06
N ALA A 212 0.44 -35.14 -5.22
CA ALA A 212 -0.48 -35.26 -6.34
C ALA A 212 -0.22 -36.60 -7.00
N ILE A 213 -1.22 -37.49 -6.99
CA ILE A 213 -1.08 -38.83 -7.56
C ILE A 213 -1.74 -38.84 -8.95
N LYS A 214 -1.06 -38.21 -9.90
CA LYS A 214 -1.50 -38.18 -11.31
C LYS A 214 -0.28 -38.43 -12.20
N GLY A 222 5.42 -29.77 -7.15
CA GLY A 222 4.39 -29.29 -6.20
C GLY A 222 3.86 -27.88 -6.47
N VAL A 223 4.17 -26.92 -5.59
CA VAL A 223 3.70 -25.53 -5.79
C VAL A 223 4.43 -24.79 -6.94
N VAL A 224 5.69 -25.15 -7.22
CA VAL A 224 6.45 -24.52 -8.30
C VAL A 224 5.75 -24.67 -9.64
N GLY A 225 5.15 -25.84 -9.86
CA GLY A 225 4.30 -26.10 -11.02
C GLY A 225 3.17 -25.10 -11.15
N VAL A 226 2.55 -24.71 -10.03
CA VAL A 226 1.50 -23.69 -10.07
C VAL A 226 2.09 -22.29 -10.32
N MET A 227 3.20 -21.99 -9.68
CA MET A 227 3.90 -20.72 -9.89
C MET A 227 4.30 -20.51 -11.34
N LYS A 228 4.73 -21.60 -12.00
CA LYS A 228 5.05 -21.55 -13.44
C LYS A 228 3.85 -21.15 -14.29
N LEU A 229 2.72 -21.80 -14.06
CA LEU A 229 1.48 -21.46 -14.76
C LEU A 229 1.09 -20.01 -14.52
N LEU A 230 1.19 -19.56 -13.27
CA LEU A 230 0.89 -18.17 -12.92
C LEU A 230 1.84 -17.19 -13.60
N ASP A 231 3.14 -17.47 -13.54
CA ASP A 231 4.17 -16.57 -14.11
C ASP A 231 3.98 -16.38 -15.60
N ASN A 232 3.64 -17.48 -16.29
CA ASN A 232 3.34 -17.43 -17.71
C ASN A 232 2.07 -16.67 -17.97
N ALA A 233 1.04 -16.90 -17.16
CA ALA A 233 -0.20 -16.14 -17.28
C ALA A 233 0.06 -14.63 -17.25
N PHE A 234 0.91 -14.17 -16.32
CA PHE A 234 1.37 -12.78 -16.29
C PHE A 234 2.48 -12.56 -17.33
N GLY A 245 -1.10 -5.31 -15.29
CA GLY A 245 -1.11 -5.86 -13.93
C GLY A 245 0.05 -6.79 -13.64
N SER A 246 0.15 -7.19 -12.37
CA SER A 246 1.32 -7.88 -11.85
C SER A 246 0.94 -8.87 -10.75
N GLY A 247 1.74 -9.93 -10.60
CA GLY A 247 1.40 -11.06 -9.73
C GLY A 247 2.39 -11.32 -8.61
N ALA A 248 1.87 -11.87 -7.51
CA ALA A 248 2.70 -12.35 -6.42
C ALA A 248 2.18 -13.69 -5.88
N ALA A 249 3.07 -14.44 -5.23
CA ALA A 249 2.66 -15.67 -4.53
C ALA A 249 3.36 -15.74 -3.19
N TYR A 250 2.63 -16.25 -2.20
CA TYR A 250 3.14 -16.36 -0.84
C TYR A 250 3.11 -17.80 -0.38
N LEU A 251 4.10 -18.17 0.43
CA LEU A 251 4.16 -19.52 0.97
C LEU A 251 4.64 -19.47 2.40
N ASN A 252 4.00 -20.28 3.24
CA ASN A 252 4.43 -20.44 4.63
C ASN A 252 5.77 -21.16 4.69
N ILE A 253 6.67 -20.68 5.55
CA ILE A 253 8.01 -21.25 5.68
C ILE A 253 8.01 -22.74 6.04
N PHE A 254 6.93 -23.21 6.68
CA PHE A 254 6.79 -24.62 7.06
C PHE A 254 6.29 -25.58 5.98
N HIS A 255 5.95 -25.06 4.80
CA HIS A 255 5.50 -25.89 3.68
C HIS A 255 6.73 -26.61 3.09
N ARG A 256 6.59 -27.91 2.78
CA ARG A 256 7.72 -28.74 2.26
C ARG A 256 8.40 -28.07 1.07
N ASP A 257 7.60 -27.65 0.09
CA ASP A 257 8.07 -26.92 -1.09
C ASP A 257 8.82 -25.58 -0.90
N ILE A 258 9.08 -25.15 0.34
CA ILE A 258 9.72 -23.84 0.61
C ILE A 258 11.02 -23.64 -0.16
N ASN A 259 11.87 -24.66 -0.25
CA ASN A 259 13.13 -24.51 -0.96
C ASN A 259 12.99 -24.43 -2.46
N ASP A 260 12.14 -25.28 -3.03
CA ASP A 260 11.78 -25.16 -4.44
C ASP A 260 11.18 -23.77 -4.73
N PHE A 261 10.38 -23.28 -3.80
CA PHE A 261 9.70 -21.99 -3.94
C PHE A 261 10.73 -20.86 -4.00
N LEU A 262 11.69 -20.88 -3.09
CA LEU A 262 12.77 -19.89 -3.10
C LEU A 262 13.71 -19.97 -4.30
N ASP A 263 13.94 -21.19 -4.80
CA ASP A 263 14.86 -21.43 -5.92
C ASP A 263 14.35 -20.89 -7.26
N THR A 264 13.06 -20.62 -7.36
CA THR A 264 12.50 -19.92 -8.53
C THR A 264 13.16 -18.55 -8.79
N LYS A 265 13.70 -17.91 -7.75
CA LYS A 265 14.39 -16.62 -7.87
C LYS A 265 15.94 -16.69 -7.81
N LYS A 266 16.50 -17.89 -7.97
CA LYS A 266 17.95 -18.04 -8.08
C LYS A 266 18.38 -17.50 -9.43
N ILE A 267 19.30 -16.54 -9.44
CA ILE A 267 20.05 -16.18 -10.66
C ILE A 267 20.66 -17.42 -11.32
N SER A 268 21.30 -18.25 -10.48
CA SER A 268 21.95 -19.48 -10.90
C SER A 268 20.92 -20.59 -11.16
N ALA A 269 20.06 -20.39 -12.15
CA ALA A 269 18.89 -21.28 -12.37
C ALA A 269 18.25 -21.10 -13.74
N ASP A 270 17.28 -21.97 -14.03
CA ASP A 270 16.67 -22.12 -15.37
C ASP A 270 15.15 -22.35 -15.28
N VAL A 275 10.93 -18.36 -11.88
CA VAL A 275 9.87 -17.42 -12.25
C VAL A 275 10.42 -15.99 -12.45
N LYS A 276 10.22 -15.46 -13.65
CA LYS A 276 10.88 -14.23 -14.04
C LYS A 276 10.16 -13.00 -13.47
N THR A 277 8.85 -12.91 -13.71
CA THR A 277 8.03 -11.74 -13.39
C THR A 277 7.34 -11.79 -12.00
N LEU A 278 7.05 -12.99 -11.50
CA LEU A 278 6.20 -13.15 -10.31
C LEU A 278 6.95 -12.78 -9.03
N SER A 279 6.40 -11.89 -8.22
CA SER A 279 6.99 -11.57 -6.91
C SER A 279 6.68 -12.70 -5.93
N ILE A 280 7.55 -12.89 -4.93
CA ILE A 280 7.33 -13.93 -3.93
C ILE A 280 7.52 -13.43 -2.50
N GLY A 281 6.69 -13.98 -1.61
CA GLY A 281 6.73 -13.69 -0.18
C GLY A 281 6.76 -14.98 0.60
N VAL A 282 7.43 -14.95 1.74
CA VAL A 282 7.46 -16.07 2.67
C VAL A 282 6.83 -15.65 4.01
N VAL A 283 5.96 -16.49 4.54
CA VAL A 283 5.28 -16.23 5.82
C VAL A 283 5.97 -17.04 6.96
N ILE A 284 6.41 -16.32 8.00
CA ILE A 284 7.29 -16.86 9.05
C ILE A 284 6.64 -16.75 10.42
N PRO A 285 6.12 -17.86 10.96
CA PRO A 285 5.65 -17.86 12.32
C PRO A 285 6.79 -17.74 13.32
N ASP A 286 6.48 -17.24 14.52
CA ASP A 286 7.46 -17.13 15.60
C ASP A 286 8.13 -18.47 15.94
N LYS A 287 7.40 -19.56 15.76
CA LYS A 287 7.93 -20.90 16.00
C LYS A 287 9.16 -21.20 15.15
N PHE A 288 9.17 -20.72 13.89
CA PHE A 288 10.35 -20.87 13.05
C PHE A 288 11.54 -20.05 13.53
N VAL A 289 11.28 -18.79 13.91
CA VAL A 289 12.35 -17.92 14.42
C VAL A 289 12.96 -18.52 15.69
N GLU A 290 12.10 -19.06 16.54
CA GLU A 290 12.50 -19.73 17.78
C GLU A 290 13.38 -20.97 17.49
N LEU A 291 12.95 -21.81 16.56
CA LEU A 291 13.74 -22.98 16.13
C LEU A 291 15.11 -22.63 15.56
N ALA A 292 15.21 -21.51 14.85
CA ALA A 292 16.49 -20.98 14.39
C ALA A 292 17.36 -20.44 15.54
N ARG A 293 16.73 -19.80 16.54
CA ARG A 293 17.46 -19.41 17.75
C ARG A 293 18.00 -20.64 18.48
N GLU A 294 17.13 -21.61 18.73
CA GLU A 294 17.51 -22.88 19.34
C GLU A 294 18.22 -23.74 18.30
N ASP A 295 19.45 -23.34 17.93
CA ASP A 295 20.18 -23.94 16.81
C ASP A 295 20.14 -25.48 16.85
N LYS A 296 19.13 -26.03 16.21
CA LYS A 296 18.81 -27.46 16.27
C LYS A 296 17.95 -27.81 15.04
N ALA A 297 17.92 -29.08 14.65
CA ALA A 297 17.11 -29.56 13.52
C ALA A 297 15.64 -29.12 13.59
N ALA A 298 15.04 -28.91 12.42
CA ALA A 298 13.63 -28.50 12.30
C ALA A 298 12.99 -29.24 11.14
N TYR A 299 11.66 -29.20 11.08
CA TYR A 299 10.92 -29.93 10.05
C TYR A 299 9.99 -29.02 9.23
N VAL A 300 9.81 -29.38 7.95
CA VAL A 300 8.77 -28.82 7.08
C VAL A 300 7.83 -29.94 6.67
N PHE A 301 6.61 -29.60 6.29
CA PHE A 301 5.54 -30.59 6.22
C PHE A 301 4.92 -30.73 4.85
N TYR A 302 4.38 -31.92 4.61
CA TYR A 302 3.60 -32.22 3.43
C TYR A 302 2.14 -31.92 3.78
N PRO A 303 1.59 -30.78 3.29
CA PRO A 303 0.28 -30.33 3.79
C PRO A 303 -0.89 -31.28 3.63
N HIS A 304 -0.95 -32.03 2.53
CA HIS A 304 -2.07 -32.95 2.36
C HIS A 304 -2.12 -34.05 3.43
N THR A 305 -0.97 -34.49 3.93
CA THR A 305 -0.95 -35.48 5.00
C THR A 305 -1.50 -34.88 6.29
N ILE A 306 -1.21 -33.60 6.55
CA ILE A 306 -1.86 -32.85 7.64
C ILE A 306 -3.38 -32.77 7.44
N TYR A 307 -3.83 -32.46 6.23
CA TYR A 307 -5.27 -32.35 5.97
C TYR A 307 -6.00 -33.69 6.18
N LYS A 308 -5.46 -34.77 5.60
CA LYS A 308 -6.03 -36.12 5.79
C LYS A 308 -6.12 -36.49 7.26
N GLU A 309 -5.05 -36.21 8.00
CA GLU A 309 -4.94 -36.58 9.40
C GLU A 309 -5.82 -35.75 10.34
N TYR A 310 -5.89 -34.43 10.14
CA TYR A 310 -6.60 -33.55 11.07
C TYR A 310 -7.90 -32.96 10.55
N GLY A 311 -8.18 -33.13 9.27
CA GLY A 311 -9.38 -32.55 8.69
C GLY A 311 -9.36 -31.02 8.56
N GLN A 312 -8.20 -30.39 8.80
CA GLN A 312 -8.04 -28.96 8.54
C GLN A 312 -6.76 -28.71 7.76
N HIS A 313 -6.72 -27.61 7.02
CA HIS A 313 -5.48 -27.20 6.34
C HIS A 313 -4.44 -26.80 7.35
N MET A 314 -3.20 -27.19 7.11
CA MET A 314 -2.03 -26.75 7.91
C MET A 314 -1.99 -25.22 8.10
N ASP A 315 -2.31 -24.51 7.03
CA ASP A 315 -2.36 -23.05 6.97
C ASP A 315 -3.33 -22.42 7.97
N GLU A 316 -4.34 -23.17 8.38
CA GLU A 316 -5.35 -22.73 9.34
C GLU A 316 -5.09 -23.15 10.78
N MET A 317 -4.06 -23.95 11.01
CA MET A 317 -3.78 -24.46 12.34
C MET A 317 -2.71 -23.57 12.97
N ASP A 318 -2.63 -23.63 14.29
CA ASP A 318 -1.68 -22.85 15.07
C ASP A 318 -0.38 -23.66 15.14
N MET A 319 0.65 -23.20 14.45
CA MET A 319 1.91 -23.92 14.38
C MET A 319 2.70 -23.90 15.70
N ASN A 320 2.60 -22.81 16.45
CA ASN A 320 3.19 -22.76 17.80
C ASN A 320 2.63 -23.86 18.69
N GLU A 321 1.32 -24.08 18.62
CA GLU A 321 0.61 -25.15 19.32
C GLU A 321 0.89 -26.54 18.74
N MET A 322 0.86 -26.67 17.40
CA MET A 322 0.81 -27.99 16.74
C MET A 322 2.13 -28.61 16.26
N TYR A 323 3.22 -27.84 16.23
CA TYR A 323 4.45 -28.28 15.55
C TYR A 323 4.94 -29.65 16.05
N ASP A 324 5.04 -29.80 17.36
CA ASP A 324 5.51 -31.06 17.97
C ASP A 324 4.60 -32.24 17.65
N LYS A 325 3.29 -32.02 17.73
CA LYS A 325 2.32 -33.05 17.35
C LYS A 325 2.47 -33.50 15.89
N PHE A 326 2.77 -32.56 14.99
CA PHE A 326 3.04 -32.90 13.59
C PHE A 326 4.31 -33.74 13.48
N VAL A 327 5.35 -33.35 14.22
CA VAL A 327 6.62 -34.05 14.23
C VAL A 327 6.43 -35.49 14.73
N ASP A 328 5.69 -35.64 15.83
CA ASP A 328 5.45 -36.95 16.45
C ASP A 328 4.38 -37.80 15.78
N ASN A 329 3.53 -37.23 14.93
CA ASN A 329 2.50 -38.00 14.24
C ASN A 329 3.11 -38.75 13.05
N PRO A 330 2.99 -40.09 13.01
CA PRO A 330 3.61 -40.85 11.92
C PRO A 330 2.85 -40.78 10.61
N ARG A 331 1.54 -40.53 10.64
CA ARG A 331 0.75 -40.31 9.41
C ARG A 331 0.97 -38.92 8.78
N VAL A 332 1.73 -38.05 9.45
CA VAL A 332 2.19 -36.78 8.88
C VAL A 332 3.58 -36.99 8.30
N LYS A 333 3.77 -36.65 7.03
CA LYS A 333 5.09 -36.69 6.41
C LYS A 333 5.79 -35.35 6.53
N LYS A 334 7.11 -35.43 6.72
CA LYS A 334 7.97 -34.29 7.05
C LYS A 334 9.29 -34.40 6.31
N GLU A 335 10.04 -33.30 6.29
CA GLU A 335 11.44 -33.28 5.87
C GLU A 335 12.21 -32.52 6.88
N LYS A 336 13.45 -32.95 7.11
CA LYS A 336 14.33 -32.31 8.05
C LYS A 336 15.08 -31.18 7.36
N ILE A 337 15.27 -30.05 8.06
CA ILE A 337 16.07 -28.93 7.54
C ILE A 337 16.82 -28.27 8.67
N ASN A 338 17.81 -27.48 8.31
CA ASN A 338 18.52 -26.62 9.25
C ASN A 338 17.82 -25.24 9.23
N PRO A 339 17.13 -24.87 10.33
CA PRO A 339 16.40 -23.59 10.32
C PRO A 339 17.29 -22.35 10.18
N ARG A 340 18.45 -22.34 10.84
CA ARG A 340 19.39 -21.23 10.73
C ARG A 340 19.88 -21.00 9.31
N LYS A 341 20.21 -22.08 8.62
CA LYS A 341 20.66 -21.99 7.24
C LYS A 341 19.54 -21.59 6.28
N LEU A 342 18.30 -21.93 6.61
CA LEU A 342 17.19 -21.43 5.82
C LEU A 342 17.11 -19.90 5.96
N LEU A 343 17.25 -19.39 7.18
CA LEU A 343 17.25 -17.94 7.42
C LEU A 343 18.39 -17.21 6.74
N GLU A 344 19.57 -17.83 6.73
CA GLU A 344 20.70 -17.32 5.95
C GLU A 344 20.41 -17.26 4.46
N LYS A 345 19.78 -18.31 3.94
CA LYS A 345 19.45 -18.38 2.51
C LYS A 345 18.44 -17.30 2.11
N LEU A 346 17.47 -17.05 2.99
CA LEU A 346 16.49 -15.97 2.78
C LEU A 346 17.20 -14.64 2.63
N ALA A 347 18.06 -14.32 3.59
CA ALA A 347 18.83 -13.07 3.55
C ALA A 347 19.75 -12.98 2.33
N MET A 348 20.36 -14.11 1.94
CA MET A 348 21.24 -14.14 0.77
C MET A 348 20.45 -13.89 -0.50
N LEU A 349 19.33 -14.58 -0.63
CA LEU A 349 18.42 -14.36 -1.76
C LEU A 349 17.95 -12.91 -1.82
N ARG A 350 17.61 -12.35 -0.67
CA ARG A 350 17.17 -10.96 -0.60
C ARG A 350 18.29 -10.03 -1.06
N SER A 351 19.51 -10.27 -0.56
CA SER A 351 20.67 -9.49 -1.02
C SER A 351 20.87 -9.56 -2.54
N GLU A 352 20.70 -10.74 -3.12
CA GLU A 352 20.96 -10.94 -4.55
C GLU A 352 19.83 -10.46 -5.46
N SER A 353 18.59 -10.82 -5.11
CA SER A 353 17.44 -10.57 -5.97
C SER A 353 16.45 -9.52 -5.45
N GLY A 354 16.55 -9.14 -4.18
CA GLY A 354 15.50 -8.36 -3.52
C GLY A 354 14.35 -9.17 -2.92
N TYR A 355 14.23 -10.44 -3.34
CA TYR A 355 13.18 -11.36 -2.91
C TYR A 355 13.73 -12.43 -1.96
N PRO A 356 12.90 -13.02 -1.09
CA PRO A 356 11.47 -12.75 -0.97
C PRO A 356 11.12 -11.66 0.03
N TYR A 357 9.89 -11.17 -0.09
CA TYR A 357 9.28 -10.39 0.97
C TYR A 357 9.10 -11.34 2.16
N ILE A 358 9.13 -10.79 3.36
CA ILE A 358 8.92 -11.57 4.59
C ILE A 358 7.73 -11.03 5.35
N MET A 359 6.83 -11.92 5.74
CA MET A 359 5.78 -11.60 6.72
C MET A 359 6.06 -12.33 8.04
N PHE A 360 6.17 -11.58 9.12
CA PHE A 360 6.26 -12.13 10.48
C PHE A 360 4.85 -12.31 10.99
N GLN A 361 4.32 -13.52 10.78
CA GLN A 361 2.88 -13.77 10.91
C GLN A 361 2.37 -13.45 12.30
N ASP A 362 3.16 -13.75 13.34
CA ASP A 362 2.68 -13.49 14.70
C ASP A 362 2.72 -12.02 15.07
N ASN A 363 3.64 -11.26 14.49
CA ASN A 363 3.63 -9.80 14.61
C ASN A 363 2.39 -9.20 13.98
N VAL A 364 1.84 -9.85 12.96
CA VAL A 364 0.59 -9.38 12.39
C VAL A 364 -0.57 -9.76 13.32
N ASN A 365 -0.62 -11.02 13.74
CA ASN A 365 -1.82 -11.53 14.43
C ASN A 365 -1.97 -11.19 15.89
N LYS A 366 -0.87 -10.89 16.57
CA LYS A 366 -0.99 -10.47 17.96
C LYS A 366 -1.58 -9.07 18.11
N VAL A 367 -1.64 -8.26 17.05
CA VAL A 367 -2.36 -6.98 17.10
C VAL A 367 -3.54 -6.89 16.11
N HIS A 368 -3.92 -8.02 15.55
CA HIS A 368 -4.98 -8.11 14.56
C HIS A 368 -6.33 -8.03 15.24
N ALA A 369 -7.21 -7.17 14.74
CA ALA A 369 -8.54 -7.00 15.34
C ALA A 369 -9.54 -8.10 15.07
N ASN A 370 -9.30 -8.93 14.04
CA ASN A 370 -10.31 -9.82 13.51
C ASN A 370 -9.86 -11.30 13.40
N ASN A 371 -9.10 -11.78 14.39
CA ASN A 371 -8.66 -13.18 14.40
C ASN A 371 -9.82 -14.17 14.44
N HIS A 372 -10.92 -13.75 15.04
CA HIS A 372 -12.15 -14.54 15.02
C HIS A 372 -12.67 -14.83 13.61
N ILE A 373 -12.34 -14.00 12.61
CA ILE A 373 -12.72 -14.28 11.22
C ILE A 373 -11.67 -15.24 10.70
N SER A 374 -10.42 -14.82 10.69
CA SER A 374 -9.28 -15.71 10.50
C SER A 374 -8.02 -14.99 10.97
N LYS A 375 -6.96 -15.77 11.16
CA LYS A 375 -5.60 -15.23 11.26
C LYS A 375 -5.26 -14.66 9.89
N VAL A 376 -4.39 -13.66 9.86
CA VAL A 376 -3.82 -13.22 8.60
C VAL A 376 -2.76 -14.26 8.20
N LYS A 377 -2.85 -14.71 6.96
CA LYS A 377 -2.03 -15.79 6.46
C LYS A 377 -1.07 -15.40 5.35
N PHE A 378 -1.30 -14.27 4.71
CA PHE A 378 -0.44 -13.79 3.62
C PHE A 378 -0.68 -12.29 3.36
N SER A 379 -0.02 -11.74 2.36
CA SER A 379 -0.16 -10.33 2.06
C SER A 379 -0.25 -10.15 0.55
N ASN A 380 -0.12 -8.92 0.10
CA ASN A 380 -0.38 -8.55 -1.30
C ASN A 380 0.90 -8.26 -2.06
N LEU A 381 0.76 -7.77 -3.30
CA LEU A 381 1.90 -7.46 -4.17
C LEU A 381 2.96 -6.54 -3.53
N CYS A 382 2.53 -5.59 -2.69
CA CYS A 382 3.45 -4.66 -2.03
C CYS A 382 3.65 -4.90 -0.51
N SER A 383 3.07 -5.98 0.00
CA SER A 383 3.25 -6.42 1.40
C SER A 383 2.70 -5.49 2.51
N GLU A 384 1.75 -4.61 2.17
CA GLU A 384 1.13 -3.75 3.21
C GLU A 384 -0.32 -4.12 3.59
N VAL A 385 -0.97 -4.95 2.80
CA VAL A 385 -2.37 -5.33 3.01
C VAL A 385 -2.35 -6.59 3.87
N LEU A 386 -3.08 -6.55 4.99
CA LEU A 386 -3.04 -7.60 5.98
C LEU A 386 -4.40 -7.78 6.62
N GLN A 387 -5.12 -8.79 6.12
CA GLN A 387 -6.49 -9.00 6.47
C GLN A 387 -6.84 -10.47 6.60
N ALA A 388 -7.96 -10.74 7.26
CA ALA A 388 -8.51 -12.09 7.30
C ALA A 388 -8.97 -12.56 5.90
N SER A 389 -8.86 -13.87 5.68
CA SER A 389 -9.33 -14.50 4.47
C SER A 389 -9.83 -15.91 4.80
N GLN A 390 -10.64 -16.46 3.90
CA GLN A 390 -11.21 -17.81 4.01
C GLN A 390 -11.24 -18.45 2.62
N VAL A 391 -10.67 -19.65 2.49
CA VAL A 391 -10.56 -20.34 1.19
C VAL A 391 -11.92 -20.71 0.63
N SER A 392 -12.07 -20.53 -0.69
CA SER A 392 -13.24 -20.98 -1.40
C SER A 392 -13.02 -22.41 -1.92
N SER A 393 -14.07 -23.04 -2.42
CA SER A 393 -13.96 -24.34 -3.11
C SER A 393 -14.66 -24.21 -4.43
N TYR A 394 -13.90 -24.26 -5.52
CA TYR A 394 -14.48 -24.21 -6.85
C TYR A 394 -14.48 -25.64 -7.37
N THR A 395 -15.64 -26.12 -7.81
CA THR A 395 -15.79 -27.53 -8.19
C THR A 395 -16.29 -27.65 -9.62
N ASP A 396 -16.31 -28.88 -10.11
CA ASP A 396 -16.75 -29.11 -11.47
C ASP A 396 -18.27 -28.94 -11.63
N TYR A 397 -18.79 -29.14 -12.85
CA TYR A 397 -20.22 -28.91 -13.14
C TYR A 397 -21.22 -29.65 -12.23
N ASP A 398 -20.80 -30.77 -11.65
CA ASP A 398 -21.66 -31.67 -10.85
C ASP A 398 -21.62 -31.43 -9.32
N GLU A 399 -20.72 -30.56 -8.86
CA GLU A 399 -20.58 -30.27 -7.43
C GLU A 399 -20.90 -28.79 -7.18
N GLU A 400 -20.92 -28.42 -5.89
CA GLU A 400 -21.30 -27.09 -5.48
C GLU A 400 -20.09 -26.26 -5.16
N ASP A 401 -20.04 -25.02 -5.65
CA ASP A 401 -18.98 -24.09 -5.21
C ASP A 401 -19.31 -23.58 -3.80
N GLU A 402 -18.28 -23.35 -3.00
CA GLU A 402 -18.43 -22.69 -1.70
C GLU A 402 -17.55 -21.45 -1.71
N ILE A 403 -18.15 -20.30 -1.39
CA ILE A 403 -17.48 -19.01 -1.55
C ILE A 403 -16.99 -18.52 -0.18
N GLY A 404 -15.69 -18.42 -0.04
CA GLY A 404 -15.11 -17.92 1.19
C GLY A 404 -14.95 -16.40 1.12
N LEU A 405 -13.73 -15.95 1.41
CA LEU A 405 -13.41 -14.55 1.57
C LEU A 405 -12.03 -14.35 0.98
N ASP A 406 -11.98 -13.73 -0.18
CA ASP A 406 -10.72 -13.21 -0.69
C ASP A 406 -10.53 -11.79 -0.12
N ILE A 407 -9.56 -11.03 -0.63
CA ILE A 407 -9.32 -9.67 -0.14
C ILE A 407 -9.16 -8.70 -1.32
N SER A 408 -9.74 -7.51 -1.20
CA SER A 408 -9.39 -6.42 -2.08
C SER A 408 -9.40 -5.13 -1.30
N CYS A 409 -8.55 -4.19 -1.69
CA CYS A 409 -8.41 -2.96 -0.91
C CYS A 409 -8.13 -1.83 -1.85
N ASN A 410 -8.99 -0.80 -1.82
CA ASN A 410 -8.70 0.42 -2.54
C ASN A 410 -8.02 1.42 -1.60
N LEU A 411 -7.16 2.23 -2.18
CA LEU A 411 -6.10 2.94 -1.45
C LEU A 411 -6.06 4.41 -1.80
N GLY A 412 -5.45 5.16 -0.91
CA GLY A 412 -5.04 6.54 -1.14
C GLY A 412 -4.12 6.98 -0.02
N SER A 413 -3.42 8.08 -0.23
CA SER A 413 -2.43 8.56 0.74
C SER A 413 -2.56 10.03 1.13
N LEU A 414 -2.38 10.30 2.42
CA LEU A 414 -2.26 11.67 2.93
C LEU A 414 -0.89 12.19 2.52
N ASN A 415 -0.82 13.48 2.24
CA ASN A 415 0.47 14.16 2.02
C ASN A 415 0.81 14.83 3.34
N ILE A 416 1.74 14.25 4.09
CA ILE A 416 2.04 14.72 5.46
C ILE A 416 2.37 16.21 5.51
N LEU A 417 3.14 16.67 4.54
CA LEU A 417 3.57 18.07 4.52
C LEU A 417 2.39 19.02 4.39
N ASN A 418 1.53 18.83 3.39
CA ASN A 418 0.40 19.71 3.21
C ASN A 418 -0.67 19.57 4.29
N VAL A 419 -0.81 18.37 4.83
CA VAL A 419 -1.72 18.18 5.97
C VAL A 419 -1.24 18.97 7.21
N MET A 420 0.06 18.91 7.50
CA MET A 420 0.59 19.66 8.64
C MET A 420 0.45 21.16 8.40
N GLU A 421 0.79 21.63 7.20
CA GLU A 421 0.76 23.05 6.92
C GLU A 421 -0.66 23.62 6.94
N HIS A 422 -1.64 22.86 6.47
CA HIS A 422 -3.04 23.25 6.55
C HIS A 422 -3.70 22.92 7.90
N LYS A 423 -3.00 22.24 8.80
CA LYS A 423 -3.54 21.87 10.11
C LYS A 423 -4.84 21.08 9.95
N SER A 424 -4.82 20.09 9.06
CA SER A 424 -6.03 19.45 8.60
C SER A 424 -6.01 17.94 8.75
N ILE A 425 -5.34 17.43 9.78
CA ILE A 425 -5.31 15.98 9.98
C ILE A 425 -6.73 15.41 10.05
N GLU A 426 -7.57 15.96 10.92
CA GLU A 426 -8.94 15.45 11.12
C GLU A 426 -9.77 15.48 9.84
N LYS A 427 -9.85 16.67 9.22
CA LYS A 427 -10.64 16.87 7.99
C LYS A 427 -10.15 15.96 6.85
N THR A 428 -8.84 15.92 6.63
CA THR A 428 -8.28 15.10 5.56
C THR A 428 -8.51 13.59 5.76
N VAL A 429 -8.25 13.11 6.97
CA VAL A 429 -8.48 11.69 7.28
C VAL A 429 -9.95 11.31 7.06
N LYS A 430 -10.86 12.15 7.54
CA LYS A 430 -12.28 11.82 7.49
C LYS A 430 -12.83 11.91 6.07
N LEU A 431 -12.45 12.96 5.35
CA LEU A 431 -12.86 13.10 3.96
C LEU A 431 -12.19 12.03 3.02
N ALA A 432 -10.92 11.72 3.26
CA ALA A 432 -10.28 10.61 2.53
C ALA A 432 -11.01 9.31 2.76
N THR A 433 -11.34 9.06 4.02
CA THR A 433 -12.09 7.87 4.41
C THR A 433 -13.43 7.76 3.64
N ASP A 434 -14.14 8.89 3.50
CA ASP A 434 -15.38 8.91 2.73
C ASP A 434 -15.14 8.53 1.26
N SER A 435 -14.07 9.06 0.68
CA SER A 435 -13.75 8.78 -0.72
C SER A 435 -13.45 7.29 -0.93
N LEU A 436 -12.68 6.73 -0.01
CA LEU A 436 -12.35 5.30 -0.06
C LEU A 436 -13.61 4.42 0.11
N THR A 437 -14.51 4.86 0.99
CA THR A 437 -15.78 4.18 1.24
C THR A 437 -16.64 4.23 -0.03
N HIS A 438 -16.66 5.37 -0.71
CA HIS A 438 -17.42 5.49 -1.96
C HIS A 438 -16.92 4.50 -3.04
N VAL A 439 -15.60 4.36 -3.15
CA VAL A 439 -15.02 3.44 -4.12
C VAL A 439 -15.43 2.00 -3.76
N SER A 440 -15.36 1.65 -2.47
CA SER A 440 -15.82 0.31 -2.05
C SER A 440 -17.29 0.08 -2.41
N GLU A 441 -18.13 1.05 -2.12
CA GLU A 441 -19.57 0.93 -2.36
C GLU A 441 -19.91 0.76 -3.84
N THR A 442 -19.12 1.39 -4.71
CA THR A 442 -19.40 1.33 -6.14
C THR A 442 -18.61 0.25 -6.90
N THR A 443 -17.80 -0.52 -6.19
CA THR A 443 -17.06 -1.64 -6.79
C THR A 443 -18.04 -2.75 -7.20
N ASP A 444 -17.91 -3.25 -8.43
CA ASP A 444 -18.80 -4.28 -8.98
C ASP A 444 -17.96 -5.32 -9.68
N ILE A 445 -17.48 -6.29 -8.91
CA ILE A 445 -16.55 -7.30 -9.40
C ILE A 445 -17.37 -8.50 -9.80
N ARG A 446 -17.26 -8.89 -11.08
CA ARG A 446 -17.86 -10.10 -11.61
C ARG A 446 -16.77 -11.14 -11.78
N ASN A 447 -17.16 -12.40 -11.77
CA ASN A 447 -16.24 -13.52 -11.99
C ASN A 447 -15.06 -13.61 -11.00
N ALA A 448 -15.27 -13.11 -9.78
CA ALA A 448 -14.33 -13.34 -8.69
C ALA A 448 -15.18 -13.32 -7.43
N PRO A 449 -15.96 -14.39 -7.21
CA PRO A 449 -17.06 -14.32 -6.24
C PRO A 449 -16.68 -14.06 -4.78
N ALA A 450 -15.54 -14.60 -4.35
CA ALA A 450 -15.07 -14.40 -2.98
C ALA A 450 -14.48 -13.00 -2.81
N VAL A 451 -14.04 -12.39 -3.91
CA VAL A 451 -13.62 -10.98 -3.94
C VAL A 451 -14.85 -10.10 -3.79
N ARG A 452 -15.88 -10.36 -4.60
CA ARG A 452 -17.14 -9.60 -4.49
C ARG A 452 -17.75 -9.73 -3.07
N ARG A 453 -17.80 -10.95 -2.55
CA ARG A 453 -18.32 -11.22 -1.21
C ARG A 453 -17.57 -10.44 -0.14
N ALA A 454 -16.24 -10.51 -0.20
CA ALA A 454 -15.39 -9.81 0.73
C ALA A 454 -15.54 -8.30 0.69
N ASN A 455 -15.66 -7.72 -0.49
CA ASN A 455 -15.81 -6.27 -0.59
C ASN A 455 -17.07 -5.78 0.15
N LYS A 456 -18.18 -6.49 -0.10
CA LYS A 456 -19.45 -6.17 0.53
C LYS A 456 -19.46 -6.47 2.04
N ALA A 457 -18.93 -7.62 2.43
CA ALA A 457 -18.95 -8.05 3.83
C ALA A 457 -17.95 -7.27 4.68
N MET A 458 -16.73 -7.11 4.15
CA MET A 458 -15.63 -6.58 4.95
C MET A 458 -15.47 -5.07 4.88
N LYS A 459 -15.74 -4.51 3.70
CA LYS A 459 -15.76 -3.07 3.49
C LYS A 459 -14.40 -2.44 3.85
N SER A 460 -13.33 -3.15 3.58
CA SER A 460 -12.00 -2.70 4.01
C SER A 460 -11.48 -1.61 3.05
N ILE A 461 -10.68 -0.71 3.59
CA ILE A 461 -10.04 0.38 2.84
C ILE A 461 -8.61 0.54 3.32
N GLY A 462 -7.84 1.33 2.59
CA GLY A 462 -6.42 1.48 2.86
C GLY A 462 -5.90 2.88 2.69
N LEU A 463 -6.03 3.67 3.77
CA LEU A 463 -5.52 5.02 3.82
C LEU A 463 -4.10 4.99 4.29
N GLY A 464 -3.19 5.55 3.50
CA GLY A 464 -1.77 5.57 3.85
C GLY A 464 -1.29 7.00 3.94
N ALA A 465 0.00 7.17 3.68
CA ALA A 465 0.66 8.45 3.88
C ALA A 465 1.96 8.50 3.13
N MET A 466 2.30 9.71 2.69
CA MET A 466 3.54 9.97 2.02
C MET A 466 4.17 11.29 2.50
N ASN A 467 5.43 11.49 2.14
CA ASN A 467 6.18 12.73 2.39
C ASN A 467 6.69 12.87 3.83
N LEU A 468 6.84 11.76 4.53
CA LEU A 468 7.39 11.80 5.88
C LEU A 468 8.80 12.41 5.86
N HIS A 469 9.70 11.84 5.07
CA HIS A 469 11.08 12.32 5.08
C HIS A 469 11.19 13.75 4.63
N GLY A 470 10.50 14.11 3.54
CA GLY A 470 10.52 15.47 3.05
C GLY A 470 10.01 16.49 4.07
N TYR A 471 8.94 16.16 4.78
CA TYR A 471 8.39 17.05 5.81
C TYR A 471 9.40 17.24 6.94
N LEU A 472 9.96 16.13 7.39
CA LEU A 472 10.94 16.15 8.47
C LEU A 472 12.15 16.97 8.08
N ALA A 473 12.72 16.65 6.91
CA ALA A 473 13.86 17.37 6.38
C ALA A 473 13.66 18.89 6.25
N GLN A 474 12.50 19.30 5.76
CA GLN A 474 12.22 20.73 5.60
C GLN A 474 11.96 21.48 6.92
N ASN A 475 11.85 20.74 8.01
CA ASN A 475 11.72 21.30 9.35
C ASN A 475 12.95 21.01 10.20
N GLY A 476 14.04 20.61 9.57
CA GLY A 476 15.31 20.39 10.28
C GLY A 476 15.31 19.24 11.27
N ILE A 477 14.65 18.14 10.93
CA ILE A 477 14.58 16.98 11.81
C ILE A 477 15.13 15.80 11.02
N ALA A 478 16.20 15.20 11.53
CA ALA A 478 16.81 14.03 10.87
C ALA A 478 15.88 12.80 11.01
N TYR A 479 15.79 12.03 9.94
CA TYR A 479 14.94 10.82 9.89
C TYR A 479 15.25 9.84 11.03
N GLU A 480 16.52 9.72 11.38
CA GLU A 480 16.96 8.79 12.39
C GLU A 480 16.90 9.33 13.82
N SER A 481 16.44 10.57 14.01
CA SER A 481 16.43 11.18 15.34
C SER A 481 15.26 10.73 16.21
N PRO A 482 15.43 10.82 17.54
CA PRO A 482 14.25 10.57 18.38
C PRO A 482 13.11 11.58 18.14
N GLU A 483 13.44 12.79 17.69
CA GLU A 483 12.41 13.78 17.39
C GLU A 483 11.51 13.36 16.20
N ALA A 484 12.11 12.70 15.22
CA ALA A 484 11.39 12.20 14.05
C ALA A 484 10.38 11.12 14.45
N ARG A 485 10.83 10.18 15.27
CA ARG A 485 9.93 9.15 15.80
C ARG A 485 8.83 9.74 16.68
N ASP A 486 9.19 10.74 17.48
CA ASP A 486 8.21 11.46 18.30
C ASP A 486 7.10 12.04 17.40
N PHE A 487 7.51 12.68 16.28
CA PHE A 487 6.54 13.27 15.35
C PHE A 487 5.62 12.22 14.76
N ALA A 488 6.20 11.12 14.32
CA ALA A 488 5.49 10.04 13.64
C ALA A 488 4.52 9.37 14.59
N ASN A 489 4.95 9.21 15.85
CA ASN A 489 4.12 8.64 16.90
C ASN A 489 2.83 9.43 17.09
N THR A 490 2.97 10.74 17.19
CA THR A 490 1.81 11.59 17.39
C THR A 490 0.96 11.68 16.12
N PHE A 491 1.62 11.87 14.99
CA PHE A 491 0.91 12.01 13.70
C PHE A 491 0.02 10.80 13.41
N PHE A 492 0.60 9.62 13.45
CA PHE A 492 -0.13 8.38 13.12
C PHE A 492 -1.15 7.96 14.19
N MET A 493 -0.87 8.25 15.46
CA MET A 493 -1.94 8.14 16.48
C MET A 493 -3.16 9.00 16.09
N MET A 494 -2.92 10.21 15.60
CA MET A 494 -4.01 11.08 15.18
C MET A 494 -4.74 10.53 13.96
N VAL A 495 -3.98 9.98 13.02
CA VAL A 495 -4.59 9.40 11.83
C VAL A 495 -5.52 8.28 12.28
N ASN A 496 -5.05 7.41 13.19
CA ASN A 496 -5.84 6.28 13.64
C ASN A 496 -7.10 6.73 14.39
N PHE A 497 -6.94 7.72 15.27
CA PHE A 497 -8.07 8.28 16.01
C PHE A 497 -9.16 8.72 15.09
N TYR A 498 -8.85 9.61 14.15
CA TYR A 498 -9.91 10.18 13.29
C TYR A 498 -10.45 9.19 12.28
N SER A 499 -9.62 8.21 11.90
CA SER A 499 -10.06 7.14 11.00
C SER A 499 -11.11 6.26 11.70
N ILE A 500 -10.78 5.84 12.92
CA ILE A 500 -11.71 5.05 13.74
C ILE A 500 -13.01 5.84 13.99
N GLN A 501 -12.87 7.11 14.40
CA GLN A 501 -14.02 8.00 14.61
C GLN A 501 -14.93 8.11 13.37
N ARG A 502 -14.33 8.34 12.20
CA ARG A 502 -15.13 8.38 10.98
C ARG A 502 -15.81 7.05 10.65
N SER A 503 -15.09 5.94 10.86
CA SER A 503 -15.66 4.61 10.63
C SER A 503 -16.90 4.36 11.51
N ALA A 504 -16.85 4.81 12.75
CA ALA A 504 -17.98 4.69 13.68
C ALA A 504 -19.13 5.65 13.33
N GLU A 505 -18.79 6.86 12.88
CA GLU A 505 -19.78 7.84 12.41
C GLU A 505 -20.54 7.32 11.20
N ILE A 506 -19.82 6.69 10.27
CA ILE A 506 -20.46 6.07 9.11
C ILE A 506 -21.36 4.90 9.57
N ALA A 507 -20.86 4.06 10.48
CA ALA A 507 -21.65 2.95 11.00
C ALA A 507 -22.93 3.43 11.66
N LYS A 508 -22.85 4.53 12.40
CA LYS A 508 -24.03 5.17 13.01
C LYS A 508 -25.01 5.67 11.95
N GLU A 509 -24.49 6.42 10.98
CA GLU A 509 -25.34 6.99 9.94
C GLU A 509 -26.00 5.91 9.07
N LYS A 510 -25.26 4.84 8.78
CA LYS A 510 -25.78 3.77 7.93
C LYS A 510 -26.55 2.72 8.69
N GLY A 511 -26.42 2.68 10.02
CA GLY A 511 -26.93 1.60 10.82
C GLY A 511 -26.39 0.24 10.42
N GLU A 512 -25.11 0.17 10.10
CA GLU A 512 -24.48 -1.08 9.72
C GLU A 512 -23.04 -1.09 10.16
N THR A 513 -22.51 -2.29 10.31
CA THR A 513 -21.12 -2.47 10.68
C THR A 513 -20.57 -3.50 9.72
N PHE A 514 -19.26 -3.64 9.66
CA PHE A 514 -18.68 -4.73 8.88
C PHE A 514 -19.13 -6.09 9.41
N ASP A 515 -19.13 -7.09 8.52
CA ASP A 515 -19.55 -8.45 8.84
C ASP A 515 -18.71 -9.01 10.01
N GLN A 516 -19.40 -9.49 11.06
CA GLN A 516 -18.79 -10.02 12.28
C GLN A 516 -17.97 -8.99 13.09
N TYR A 517 -18.35 -7.72 12.99
CA TYR A 517 -17.81 -6.68 13.86
C TYR A 517 -17.90 -7.04 15.36
N GLU A 518 -19.00 -7.69 15.76
CA GLU A 518 -19.28 -7.94 17.18
C GLU A 518 -18.20 -8.79 17.83
N GLY A 519 -17.56 -9.68 17.07
CA GLY A 519 -16.46 -10.50 17.59
C GLY A 519 -15.07 -9.88 17.54
N SER A 520 -14.94 -8.65 17.06
CA SER A 520 -13.62 -8.02 16.90
C SER A 520 -13.10 -7.42 18.21
N THR A 521 -11.81 -7.07 18.22
CA THR A 521 -11.24 -6.33 19.38
C THR A 521 -11.73 -4.88 19.50
N TYR A 522 -12.31 -4.33 18.43
CA TYR A 522 -13.00 -3.04 18.51
C TYR A 522 -14.25 -3.16 19.41
N ALA A 523 -14.96 -4.28 19.27
CA ALA A 523 -16.18 -4.53 20.00
C ALA A 523 -15.91 -4.88 21.47
N THR A 524 -14.95 -5.74 21.73
CA THR A 524 -14.62 -6.12 23.10
C THR A 524 -13.96 -4.96 23.86
N GLY A 525 -13.33 -4.03 23.14
CA GLY A 525 -12.66 -2.90 23.75
C GLY A 525 -11.16 -3.06 23.79
N GLU A 526 -10.68 -4.30 23.63
CA GLU A 526 -9.25 -4.62 23.75
C GLU A 526 -8.39 -3.76 22.82
N TYR A 527 -8.92 -3.44 21.63
CA TYR A 527 -8.16 -2.61 20.67
C TYR A 527 -7.67 -1.29 21.28
N PHE A 528 -8.48 -0.70 22.15
CA PHE A 528 -8.21 0.62 22.72
C PHE A 528 -7.37 0.59 24.01
N ASP A 529 -6.94 -0.58 24.46
CA ASP A 529 -6.21 -0.66 25.74
C ASP A 529 -5.08 0.33 25.91
N LYS A 530 -4.13 0.34 24.98
CA LYS A 530 -2.99 1.25 25.09
C LYS A 530 -3.38 2.74 24.93
N TYR A 531 -4.43 2.99 24.17
CA TYR A 531 -4.88 4.34 23.89
C TYR A 531 -5.64 5.00 25.04
N VAL A 532 -6.27 4.21 25.90
CA VAL A 532 -6.95 4.75 27.07
C VAL A 532 -5.99 4.89 28.27
N SER A 533 -4.86 4.20 28.25
CA SER A 533 -3.95 4.19 29.40
C SER A 533 -2.63 4.94 29.20
N THR A 534 -2.38 5.41 27.97
CA THR A 534 -1.09 6.00 27.57
C THR A 534 -1.32 7.20 26.68
N ASP A 535 -0.56 8.27 26.96
CA ASP A 535 -0.62 9.48 26.18
C ASP A 535 0.37 9.38 24.99
N PHE A 536 -0.05 9.93 23.85
CA PHE A 536 0.74 9.91 22.60
C PHE A 536 1.02 11.31 22.05
N SER A 537 0.96 12.34 22.90
CA SER A 537 1.32 13.68 22.46
C SER A 537 2.86 13.79 22.49
N PRO A 538 3.42 14.70 21.70
CA PRO A 538 4.88 14.79 21.53
C PRO A 538 5.65 14.96 22.85
N LYS A 539 6.71 14.19 23.01
CA LYS A 539 7.60 14.33 24.14
C LYS A 539 8.69 15.40 23.95
N TYR A 540 8.91 15.87 22.72
CA TYR A 540 9.87 16.96 22.45
C TYR A 540 9.13 18.23 22.10
N GLU A 541 9.51 19.34 22.72
CA GLU A 541 8.80 20.61 22.51
C GLU A 541 8.80 21.12 21.06
N LYS A 542 9.89 20.88 20.33
CA LYS A 542 9.97 21.23 18.90
C LYS A 542 8.88 20.51 18.11
N ILE A 543 8.61 19.26 18.49
CA ILE A 543 7.58 18.47 17.82
C ILE A 543 6.21 18.98 18.23
N ALA A 544 5.96 19.19 19.53
CA ALA A 544 4.69 19.81 19.98
C ALA A 544 4.38 21.10 19.24
N ASN A 545 5.37 21.96 19.00
CA ASN A 545 5.13 23.20 18.27
C ASN A 545 4.64 23.00 16.84
N LEU A 546 5.08 21.93 16.17
CA LEU A 546 4.54 21.60 14.84
C LEU A 546 3.03 21.37 14.79
N PHE A 547 2.46 20.84 15.88
CA PHE A 547 1.02 20.52 15.98
C PHE A 547 0.16 21.67 16.52
N GLU A 548 0.78 22.82 16.81
CA GLU A 548 0.05 24.01 17.25
C GLU A 548 -1.10 24.31 16.32
N GLY A 549 -2.29 24.51 16.87
CA GLY A 549 -3.49 24.76 16.08
C GLY A 549 -4.32 23.53 15.76
N MET A 550 -3.84 22.34 16.15
CA MET A 550 -4.61 21.11 16.01
C MET A 550 -4.76 20.49 17.37
N HIS A 551 -5.97 20.05 17.67
CA HIS A 551 -6.21 19.32 18.91
C HIS A 551 -5.54 17.95 18.85
N ILE A 552 -4.72 17.61 19.86
CA ILE A 552 -4.13 16.29 19.92
C ILE A 552 -5.01 15.43 20.83
N PRO A 553 -5.57 14.32 20.29
CA PRO A 553 -6.38 13.45 21.14
C PRO A 553 -5.65 12.94 22.37
N THR A 554 -6.36 12.95 23.48
CA THR A 554 -5.86 12.53 24.78
C THR A 554 -6.48 11.19 25.13
N THR A 555 -6.03 10.61 26.24
CA THR A 555 -6.63 9.39 26.78
C THR A 555 -8.14 9.52 27.02
N GLU A 556 -8.60 10.72 27.40
CA GLU A 556 -10.03 10.99 27.58
C GLU A 556 -10.81 10.97 26.25
N ASP A 557 -10.23 11.56 25.21
CA ASP A 557 -10.84 11.49 23.86
C ASP A 557 -10.92 10.02 23.42
N TRP A 558 -9.83 9.27 23.63
CA TRP A 558 -9.85 7.83 23.28
C TRP A 558 -10.89 7.01 24.08
N LYS A 559 -11.05 7.33 25.37
CA LYS A 559 -12.07 6.65 26.21
C LYS A 559 -13.47 6.91 25.65
N LYS A 560 -13.70 8.13 25.21
CA LYS A 560 -14.98 8.52 24.64
C LYS A 560 -15.17 7.87 23.25
N LEU A 561 -14.10 7.77 22.46
CA LEU A 561 -14.17 7.09 21.17
C LEU A 561 -14.47 5.61 21.35
N LYS A 562 -13.78 4.97 22.28
CA LYS A 562 -14.05 3.58 22.62
C LYS A 562 -15.54 3.33 22.96
N ALA A 563 -16.14 4.23 23.73
CA ALA A 563 -17.55 4.09 24.09
C ALA A 563 -18.47 4.37 22.89
N PHE A 564 -18.13 5.35 22.06
CA PHE A 564 -18.86 5.61 20.82
C PHE A 564 -18.84 4.37 19.89
N VAL A 565 -17.66 3.75 19.78
CA VAL A 565 -17.53 2.50 19.02
C VAL A 565 -18.33 1.36 19.68
N ALA A 566 -18.28 1.26 20.99
CA ALA A 566 -19.14 0.30 21.68
C ALA A 566 -20.62 0.45 21.31
N GLU A 567 -21.11 1.68 21.22
CA GLU A 567 -22.51 1.93 20.88
C GLU A 567 -22.85 1.66 19.40
N HIS A 568 -22.03 2.19 18.50
CA HIS A 568 -22.34 2.20 17.07
C HIS A 568 -21.58 1.21 16.20
N GLY A 569 -20.50 0.62 16.72
CA GLY A 569 -19.59 -0.19 15.95
C GLY A 569 -18.82 0.57 14.89
N MET A 570 -18.22 -0.19 13.97
CA MET A 570 -17.44 0.39 12.88
C MET A 570 -17.85 -0.17 11.53
N TYR A 571 -17.73 0.67 10.51
CA TYR A 571 -18.16 0.31 9.15
C TYR A 571 -17.13 -0.55 8.44
N HIS A 572 -15.86 -0.30 8.77
CA HIS A 572 -14.71 -0.87 8.06
C HIS A 572 -13.98 -1.90 8.90
N SER A 573 -13.73 -3.06 8.34
CA SER A 573 -13.01 -4.12 9.02
C SER A 573 -11.52 -3.77 9.16
N TYR A 574 -10.99 -3.06 8.17
CA TYR A 574 -9.63 -2.51 8.18
C TYR A 574 -9.66 -1.16 7.48
N ARG A 575 -8.75 -0.26 7.86
CA ARG A 575 -8.78 1.15 7.46
C ARG A 575 -7.47 1.73 6.92
N LEU A 576 -6.34 1.31 7.48
CA LEU A 576 -5.06 1.98 7.24
C LEU A 576 -4.03 1.01 6.71
N CYS A 577 -3.28 1.45 5.70
CA CYS A 577 -2.10 0.72 5.21
C CYS A 577 -1.24 1.70 4.42
N ILE A 578 0.07 1.58 4.55
CA ILE A 578 0.98 2.53 3.91
C ILE A 578 1.64 1.81 2.73
N ALA A 579 1.15 2.10 1.53
CA ALA A 579 1.66 1.51 0.29
C ALA A 579 2.94 2.24 -0.15
N PRO A 580 3.69 1.69 -1.13
CA PRO A 580 4.95 2.34 -1.56
C PRO A 580 4.83 3.73 -2.22
N THR A 581 3.70 4.01 -2.85
CA THR A 581 3.42 5.29 -3.55
C THR A 581 4.47 5.71 -4.57
N GLY A 582 5.02 4.74 -5.29
CA GLY A 582 6.13 4.99 -6.22
C GLY A 582 5.87 6.01 -7.32
N SER A 583 4.73 5.90 -7.98
CA SER A 583 4.41 6.77 -9.13
C SER A 583 3.75 8.10 -8.73
N ILE A 584 2.67 7.99 -7.96
CA ILE A 584 1.92 9.16 -7.52
C ILE A 584 2.74 10.13 -6.67
N SER A 585 3.78 9.65 -5.98
CA SER A 585 4.59 10.55 -5.16
C SER A 585 5.19 11.67 -6.02
N TYR A 586 5.53 11.41 -7.28
CA TYR A 586 6.04 12.49 -8.16
C TYR A 586 4.99 13.56 -8.42
N VAL A 587 3.75 13.14 -8.57
CA VAL A 587 2.66 14.08 -8.84
C VAL A 587 2.46 14.99 -7.65
N GLN A 588 2.60 14.41 -6.46
CA GLN A 588 2.48 15.13 -5.20
C GLN A 588 3.72 15.93 -4.78
N SER A 589 4.79 15.92 -5.57
CA SER A 589 6.11 16.42 -5.13
C SER A 589 6.41 15.97 -3.69
N SER A 590 6.37 14.66 -3.50
CA SER A 590 6.49 14.06 -2.19
C SER A 590 7.61 13.05 -2.17
N THR A 591 8.29 12.91 -1.04
CA THR A 591 9.13 11.74 -0.84
C THR A 591 8.21 10.51 -0.69
N ALA A 592 8.69 9.37 -1.17
CA ALA A 592 7.83 8.18 -1.31
C ALA A 592 7.45 7.64 0.06
N SER A 593 6.14 7.52 0.30
CA SER A 593 5.65 6.81 1.46
C SER A 593 6.22 7.39 2.78
N VAL A 594 6.56 6.51 3.72
CA VAL A 594 7.22 6.91 4.97
C VAL A 594 8.69 6.49 4.99
N MET A 595 9.19 6.08 3.82
CA MET A 595 10.53 5.60 3.70
C MET A 595 11.51 6.77 3.66
N PRO A 596 12.77 6.51 4.07
CA PRO A 596 13.82 7.48 3.78
C PRO A 596 14.11 7.53 2.27
N ILE A 597 14.43 8.72 1.77
CA ILE A 597 14.83 8.93 0.38
C ILE A 597 16.05 8.08 0.05
N MET A 598 16.11 7.60 -1.19
CA MET A 598 17.23 6.80 -1.68
C MET A 598 18.34 7.62 -2.30
N GLU A 599 17.98 8.69 -3.00
CA GLU A 599 18.93 9.50 -3.74
C GLU A 599 18.51 10.94 -3.56
N ARG A 600 19.43 11.80 -3.18
CA ARG A 600 19.14 13.23 -3.12
C ARG A 600 18.68 13.77 -4.48
N ILE A 601 19.31 13.31 -5.57
CA ILE A 601 18.94 13.75 -6.90
C ILE A 601 18.87 12.54 -7.82
N GLU A 602 17.68 12.25 -8.33
CA GLU A 602 17.49 11.11 -9.25
C GLU A 602 17.90 11.47 -10.67
N GLU A 603 18.78 10.67 -11.26
CA GLU A 603 19.11 10.74 -12.67
C GLU A 603 18.38 9.60 -13.35
N ARG A 604 17.62 9.93 -14.38
CA ARG A 604 16.84 8.95 -15.14
C ARG A 604 16.93 9.34 -16.61
N THR A 605 16.95 8.35 -17.50
CA THR A 605 17.08 8.63 -18.94
C THR A 605 15.71 8.84 -19.58
N TYR A 606 15.66 9.79 -20.51
CA TYR A 606 14.45 10.27 -21.17
C TYR A 606 14.75 10.24 -22.66
N GLY A 607 14.36 9.15 -23.32
CA GLY A 607 14.75 8.88 -24.71
C GLY A 607 16.27 8.88 -24.85
N ASN A 608 16.81 9.92 -25.49
CA ASN A 608 18.26 10.09 -25.64
C ASN A 608 18.90 10.98 -24.58
N SER A 609 18.08 11.73 -23.85
CA SER A 609 18.57 12.67 -22.85
C SER A 609 18.48 12.08 -21.45
N LYS A 610 18.95 12.84 -20.46
CA LYS A 610 18.75 12.51 -19.06
C LYS A 610 17.85 13.55 -18.43
N THR A 611 17.19 13.16 -17.33
CA THR A 611 16.43 14.09 -16.49
C THR A 611 16.96 14.03 -15.07
N TYR A 612 16.86 15.14 -14.36
CA TYR A 612 17.30 15.22 -12.97
C TYR A 612 16.12 15.58 -12.10
N TYR A 613 15.94 14.84 -11.01
CA TYR A 613 14.89 15.13 -10.04
C TYR A 613 15.46 15.21 -8.65
N PRO A 614 15.75 16.42 -8.18
CA PRO A 614 16.08 16.60 -6.77
C PRO A 614 14.87 16.25 -5.89
N MET A 615 15.13 15.75 -4.70
CA MET A 615 14.07 15.44 -3.76
C MET A 615 13.29 16.71 -3.49
N PRO A 616 11.94 16.61 -3.42
CA PRO A 616 11.12 17.80 -3.28
C PRO A 616 11.48 18.54 -2.01
N GLY A 617 11.80 19.83 -2.13
CA GLY A 617 12.25 20.61 -1.01
C GLY A 617 13.74 20.70 -0.81
N LEU A 618 14.52 19.86 -1.52
CA LEU A 618 15.97 19.84 -1.39
C LEU A 618 16.55 21.18 -1.83
N ALA A 619 17.41 21.75 -0.98
CA ALA A 619 18.10 23.00 -1.26
C ALA A 619 19.54 22.88 -0.75
N SER A 620 20.41 23.76 -1.22
CA SER A 620 21.81 23.75 -0.78
C SER A 620 21.95 23.80 0.74
N ASN A 621 21.10 24.58 1.39
CA ASN A 621 21.16 24.74 2.85
C ASN A 621 20.49 23.67 3.72
N ASN A 622 19.76 22.72 3.14
CA ASN A 622 19.15 21.63 3.94
C ASN A 622 19.64 20.24 3.50
N TRP A 623 20.76 20.23 2.77
CA TRP A 623 21.35 19.01 2.20
C TRP A 623 21.51 17.90 3.23
N PHE A 624 21.98 18.30 4.41
CA PHE A 624 22.20 17.39 5.52
C PHE A 624 20.95 16.56 5.89
N PHE A 625 19.79 17.20 5.88
CA PHE A 625 18.55 16.58 6.35
C PHE A 625 17.91 15.61 5.35
N TYR A 626 18.30 15.70 4.07
CA TYR A 626 17.97 14.68 3.05
C TYR A 626 19.06 13.61 2.93
N LYS A 627 19.39 13.00 4.08
CA LYS A 627 20.35 11.91 4.13
C LYS A 627 19.80 10.72 3.35
N GLU A 628 20.67 10.06 2.59
CA GLU A 628 20.27 8.96 1.75
C GLU A 628 20.10 7.70 2.62
N ALA A 629 19.08 6.90 2.28
CA ALA A 629 18.71 5.73 3.06
C ALA A 629 19.87 4.74 3.24
N TYR A 630 20.65 4.53 2.19
CA TYR A 630 21.78 3.59 2.25
C TYR A 630 22.85 3.92 3.31
N ASP A 631 22.93 5.19 3.71
CA ASP A 631 23.88 5.65 4.70
C ASP A 631 23.32 5.62 6.11
N MET A 632 22.06 5.23 6.28
CA MET A 632 21.43 5.24 7.59
C MET A 632 21.64 3.92 8.30
N ASP A 633 21.47 3.95 9.60
CA ASP A 633 21.45 2.73 10.39
C ASP A 633 20.05 2.14 10.22
N MET A 634 19.96 0.97 9.59
CA MET A 634 18.67 0.28 9.41
C MET A 634 17.94 -0.09 10.71
N PHE A 635 18.67 -0.21 11.83
CA PHE A 635 18.05 -0.43 13.13
C PHE A 635 17.18 0.77 13.51
N LYS A 636 17.65 1.97 13.18
CA LYS A 636 16.88 3.17 13.45
C LYS A 636 15.75 3.39 12.44
N VAL A 637 15.93 2.92 11.22
CA VAL A 637 14.81 2.86 10.25
C VAL A 637 13.74 1.90 10.79
N VAL A 638 14.13 0.71 11.23
CA VAL A 638 13.21 -0.24 11.88
C VAL A 638 12.44 0.42 13.03
N ASP A 639 13.12 1.19 13.88
CA ASP A 639 12.46 1.89 15.00
C ASP A 639 11.42 2.89 14.54
N MET A 640 11.69 3.57 13.44
CA MET A 640 10.71 4.47 12.87
C MET A 640 9.45 3.70 12.41
N ILE A 641 9.66 2.62 11.64
CA ILE A 641 8.56 1.87 11.05
C ILE A 641 7.74 1.20 12.16
N ALA A 642 8.43 0.64 13.16
CA ALA A 642 7.77 0.10 14.35
C ALA A 642 6.92 1.14 15.08
N THR A 643 7.44 2.35 15.21
CA THR A 643 6.71 3.46 15.81
C THR A 643 5.41 3.79 15.03
N ILE A 644 5.51 3.83 13.72
CA ILE A 644 4.34 4.14 12.88
C ILE A 644 3.32 2.99 12.97
N GLN A 645 3.83 1.77 12.88
CA GLN A 645 3.05 0.54 12.84
C GLN A 645 2.13 0.34 14.03
N GLN A 646 2.50 0.87 15.20
CA GLN A 646 1.62 0.83 16.36
C GLN A 646 0.25 1.37 16.03
N HIS A 647 0.17 2.36 15.13
CA HIS A 647 -1.09 3.07 14.82
C HIS A 647 -1.71 2.73 13.46
N ILE A 648 -1.19 1.71 12.79
CA ILE A 648 -1.65 1.29 11.48
C ILE A 648 -2.20 -0.09 11.67
N ASP A 649 -3.47 -0.31 11.32
CA ASP A 649 -4.09 -1.61 11.56
C ASP A 649 -3.64 -2.72 10.59
N GLN A 650 -3.35 -2.36 9.33
CA GLN A 650 -2.72 -3.31 8.40
C GLN A 650 -1.20 -3.12 8.45
N GLY A 651 -0.55 -3.00 7.29
CA GLY A 651 0.88 -2.97 7.23
C GLY A 651 1.43 -1.78 6.50
N ILE A 652 2.74 -1.85 6.29
CA ILE A 652 3.58 -0.75 5.78
C ILE A 652 4.59 -1.38 4.85
N SER A 653 4.56 -1.02 3.58
CA SER A 653 5.54 -1.51 2.63
C SER A 653 6.92 -0.96 3.03
N PHE A 654 7.80 -1.85 3.49
CA PHE A 654 9.04 -1.45 4.15
C PHE A 654 10.24 -2.01 3.36
N THR A 655 10.85 -1.11 2.58
CA THR A 655 12.04 -1.41 1.81
C THR A 655 13.25 -1.33 2.75
N LEU A 656 14.13 -2.33 2.68
CA LEU A 656 15.43 -2.23 3.36
C LEU A 656 16.51 -1.77 2.39
N PHE A 657 17.42 -0.95 2.90
CA PHE A 657 18.41 -0.25 2.07
C PHE A 657 19.78 -0.66 2.55
N LEU A 658 20.41 -1.55 1.76
CA LEU A 658 21.64 -2.25 2.15
C LEU A 658 22.83 -1.83 1.29
N LYS A 659 24.03 -2.21 1.75
CA LYS A 659 25.27 -2.08 0.97
C LYS A 659 25.90 -3.45 0.78
N ASP A 660 26.57 -3.63 -0.35
CA ASP A 660 27.22 -4.91 -0.69
C ASP A 660 28.29 -5.40 0.31
N THR A 661 28.79 -4.51 1.16
CA THR A 661 29.76 -4.89 2.19
C THR A 661 29.17 -5.61 3.41
N MET A 662 27.85 -5.54 3.61
CA MET A 662 27.21 -6.20 4.75
C MET A 662 27.29 -7.72 4.66
N THR A 663 27.65 -8.35 5.78
CA THR A 663 27.70 -9.83 5.85
C THR A 663 26.28 -10.41 5.92
N THR A 664 26.14 -11.69 5.56
CA THR A 664 24.90 -12.44 5.77
C THR A 664 24.43 -12.31 7.21
N ARG A 665 25.38 -12.33 8.16
CA ARG A 665 25.07 -12.17 9.57
C ARG A 665 24.51 -10.78 9.90
N ASP A 666 25.07 -9.75 9.27
CA ASP A 666 24.52 -8.39 9.41
C ASP A 666 23.06 -8.33 8.93
N LEU A 667 22.77 -9.01 7.81
CA LEU A 667 21.44 -9.02 7.23
C LEU A 667 20.44 -9.78 8.10
N ASN A 668 20.85 -10.94 8.62
CA ASN A 668 20.02 -11.67 9.57
C ASN A 668 19.74 -10.87 10.85
N ARG A 669 20.71 -10.07 11.27
CA ARG A 669 20.58 -9.26 12.48
C ARG A 669 19.56 -8.11 12.32
N ILE A 670 19.56 -7.46 11.16
CA ILE A 670 18.57 -6.44 10.83
C ILE A 670 17.16 -7.07 10.89
N ASP A 671 17.03 -8.20 10.18
CA ASP A 671 15.74 -8.89 10.04
C ASP A 671 15.20 -9.39 11.38
N LEU A 672 16.09 -9.93 12.20
CA LEU A 672 15.72 -10.38 13.54
C LEU A 672 15.35 -9.21 14.46
N TYR A 673 16.01 -8.07 14.27
CA TYR A 673 15.62 -6.85 15.00
C TYR A 673 14.21 -6.40 14.57
N ALA A 674 13.96 -6.40 13.26
CA ALA A 674 12.63 -6.08 12.74
C ALA A 674 11.60 -6.96 13.41
N HIS A 675 11.83 -8.27 13.38
CA HIS A 675 10.95 -9.21 14.05
C HIS A 675 10.78 -8.85 15.50
N HIS A 676 11.90 -8.60 16.19
CA HIS A 676 11.91 -8.28 17.62
C HIS A 676 11.07 -7.04 17.92
N ARG A 677 11.15 -6.03 17.04
CA ARG A 677 10.43 -4.78 17.26
C ARG A 677 8.95 -4.79 16.79
N GLY A 678 8.41 -5.95 16.41
CA GLY A 678 7.00 -6.06 16.00
C GLY A 678 6.73 -5.76 14.52
N ILE A 679 7.77 -5.64 13.70
CA ILE A 679 7.57 -5.32 12.28
C ILE A 679 6.75 -6.42 11.63
N LYS A 680 5.77 -6.05 10.81
CA LYS A 680 4.81 -7.02 10.26
C LYS A 680 5.30 -7.66 8.99
N THR A 681 5.86 -6.85 8.09
CA THR A 681 6.37 -7.33 6.82
C THR A 681 7.58 -6.50 6.46
N ILE A 682 8.47 -7.10 5.68
CA ILE A 682 9.51 -6.35 4.98
C ILE A 682 9.37 -6.69 3.50
N TYR A 683 9.62 -5.69 2.67
CA TYR A 683 9.31 -5.67 1.25
C TYR A 683 10.64 -5.95 0.52
N TYR A 684 10.85 -5.34 -0.65
CA TYR A 684 11.99 -5.59 -1.53
C TYR A 684 13.26 -5.07 -0.84
N ALA A 685 14.31 -5.88 -0.82
CA ALA A 685 15.62 -5.43 -0.30
C ALA A 685 16.43 -4.76 -1.42
N ARG A 686 16.81 -3.50 -1.21
CA ARG A 686 17.61 -2.72 -2.16
C ARG A 686 19.05 -2.59 -1.69
N THR A 687 19.97 -2.88 -2.61
CA THR A 687 21.39 -2.76 -2.36
C THR A 687 21.90 -1.66 -3.28
N LYS A 688 22.72 -0.77 -2.74
CA LYS A 688 23.25 0.36 -3.52
C LYS A 688 24.19 -0.11 -4.63
#